data_2QPA
#
_entry.id   2QPA
#
_cell.length_a   75.630
_cell.length_b   120.640
_cell.length_c   157.330
_cell.angle_alpha   90.000
_cell.angle_beta   90.000
_cell.angle_gamma   90.000
#
_symmetry.space_group_name_H-M   'P 21 21 21'
#
loop_
_entity.id
_entity.type
_entity.pdbx_description
1 polymer 'Vacuolar protein sorting-associated protein 4'
2 non-polymer "ADENOSINE-5'-DIPHOSPHATE"
3 non-polymer 'PHOSPHATE ION'
#
_entity_poly.entity_id   1
_entity_poly.type   'polypeptide(L)'
_entity_poly.pdbx_seq_one_letter_code
;KKSPSAGSGSNGGNKKISQEEGEDNGGEDNKKLRGALSSAILSEKPNVKWEDVAGLEGAKEALKEAVILPVKFPHLFKGN
RKPTSGILLYGPPGTGKSYLAKAVATEANSTFFSVSSSDLVSKWMGESEKLVKQLFAMARENKPSIIFIDQVDALTGTRG
EGESEASRRIKTELLVQMNGVGNDSQGVLVLGATNIPWQLDSAIRRRFERRIYIPLPDLAARTTMFEINVGDTPSVLTKE
DYRTLGAMTEGYSGSDIAVVVKDALMQPIRKIQSATHFKDVSTEDDETRKLTPSSPGDDGAIEMSWTDIEADELKEPDLT
IKDFLKAIKSTRPTVNEDDLLKQEQFTRDFGQEGN
;
_entity_poly.pdbx_strand_id   A,B,C
#
# COMPACT_ATOMS: atom_id res chain seq x y z
N LEU A 37 -1.25 -1.03 -21.77
CA LEU A 37 -0.35 -0.28 -20.83
C LEU A 37 -1.10 0.79 -20.02
N SER A 38 -1.43 0.48 -18.77
CA SER A 38 -2.14 1.40 -17.88
C SER A 38 -1.18 2.14 -16.95
N SER A 39 -1.67 3.22 -16.34
CA SER A 39 -0.89 4.05 -15.43
C SER A 39 -1.02 3.64 -13.96
N ALA A 40 -2.10 2.96 -13.62
CA ALA A 40 -2.35 2.51 -12.25
C ALA A 40 -1.92 1.05 -12.02
N ILE A 41 -1.92 0.25 -13.08
CA ILE A 41 -1.54 -1.15 -13.00
C ILE A 41 -0.09 -1.37 -13.40
N LEU A 42 0.76 -1.65 -12.42
CA LEU A 42 2.17 -1.90 -12.71
C LEU A 42 2.27 -3.20 -13.47
N SER A 43 3.20 -3.24 -14.41
CA SER A 43 3.51 -4.41 -15.23
C SER A 43 5.01 -4.35 -15.47
N GLU A 44 5.65 -5.51 -15.54
CA GLU A 44 7.09 -5.52 -15.76
C GLU A 44 7.55 -6.95 -15.76
N LYS A 45 8.83 -7.15 -16.06
CA LYS A 45 9.40 -8.49 -16.05
C LYS A 45 10.31 -8.45 -14.82
N PRO A 46 9.75 -8.78 -13.66
CA PRO A 46 10.53 -8.76 -12.42
C PRO A 46 11.86 -9.47 -12.55
N ASN A 47 12.91 -8.88 -11.99
CA ASN A 47 14.23 -9.49 -12.02
C ASN A 47 14.76 -9.56 -10.59
N VAL A 48 14.03 -10.26 -9.72
CA VAL A 48 14.41 -10.44 -8.32
C VAL A 48 14.46 -11.94 -8.01
N LYS A 49 15.62 -12.42 -7.58
CA LYS A 49 15.78 -13.84 -7.28
C LYS A 49 15.68 -14.12 -5.78
N TRP A 50 15.28 -15.34 -5.45
CA TRP A 50 15.13 -15.74 -4.06
C TRP A 50 16.24 -15.16 -3.16
N GLU A 51 17.46 -15.07 -3.68
CA GLU A 51 18.61 -14.58 -2.91
C GLU A 51 18.55 -13.08 -2.56
N ASP A 52 17.79 -12.32 -3.33
CA ASP A 52 17.66 -10.88 -3.08
C ASP A 52 16.64 -10.65 -1.97
N VAL A 53 16.08 -11.73 -1.46
CA VAL A 53 15.06 -11.66 -0.43
C VAL A 53 15.48 -12.06 0.96
N ALA A 54 15.36 -11.10 1.88
CA ALA A 54 15.65 -11.22 3.31
C ALA A 54 15.93 -12.63 3.77
N GLY A 55 15.04 -13.18 4.59
CA GLY A 55 15.22 -14.53 5.05
C GLY A 55 14.08 -15.33 4.48
N LEU A 56 13.00 -15.48 5.24
CA LEU A 56 11.84 -16.22 4.77
C LEU A 56 12.23 -17.55 4.11
N GLU A 57 13.27 -18.18 4.64
CA GLU A 57 13.74 -19.46 4.11
C GLU A 57 12.58 -20.43 3.83
N GLY A 58 11.50 -20.32 4.61
CA GLY A 58 10.38 -21.21 4.45
C GLY A 58 9.22 -20.79 3.57
N ALA A 59 8.85 -19.52 3.61
CA ALA A 59 7.75 -19.06 2.77
C ALA A 59 8.24 -19.23 1.35
N LYS A 60 9.54 -19.00 1.17
CA LYS A 60 10.14 -19.15 -0.15
C LYS A 60 9.84 -20.58 -0.58
N GLU A 61 10.23 -21.54 0.25
CA GLU A 61 10.00 -22.93 -0.08
C GLU A 61 8.55 -23.17 -0.47
N ALA A 62 7.61 -22.88 0.42
CA ALA A 62 6.20 -23.05 0.12
C ALA A 62 5.84 -22.47 -1.24
N LEU A 63 6.29 -21.26 -1.52
CA LEU A 63 6.01 -20.64 -2.80
C LEU A 63 6.61 -21.44 -3.94
N LYS A 64 7.83 -21.95 -3.74
CA LYS A 64 8.49 -22.73 -4.78
C LYS A 64 7.57 -23.86 -5.20
N GLU A 65 7.19 -24.66 -4.22
CA GLU A 65 6.33 -25.80 -4.42
C GLU A 65 4.89 -25.46 -4.79
N ALA A 66 4.44 -24.26 -4.44
CA ALA A 66 3.06 -23.92 -4.76
C ALA A 66 2.93 -23.28 -6.11
N VAL A 67 3.97 -22.59 -6.56
CA VAL A 67 3.91 -21.92 -7.87
C VAL A 67 4.90 -22.38 -8.92
N ILE A 68 6.15 -22.54 -8.51
CA ILE A 68 7.17 -22.96 -9.46
C ILE A 68 6.95 -24.38 -9.96
N LEU A 69 6.79 -25.31 -9.02
CA LEU A 69 6.61 -26.72 -9.34
C LEU A 69 5.55 -26.99 -10.39
N PRO A 70 4.34 -26.45 -10.19
CA PRO A 70 3.26 -26.65 -11.13
C PRO A 70 3.48 -26.02 -12.50
N VAL A 71 4.26 -24.95 -12.56
CA VAL A 71 4.45 -24.34 -13.87
C VAL A 71 5.54 -25.07 -14.61
N LYS A 72 6.48 -25.64 -13.85
CA LYS A 72 7.60 -26.39 -14.42
C LYS A 72 7.21 -27.82 -14.84
N PHE A 73 6.37 -28.46 -14.03
CA PHE A 73 5.94 -29.82 -14.30
C PHE A 73 4.45 -29.88 -14.51
N PRO A 74 3.95 -29.12 -15.49
CA PRO A 74 2.53 -29.08 -15.79
C PRO A 74 1.82 -30.41 -15.79
N HIS A 75 2.54 -31.46 -16.12
CA HIS A 75 1.94 -32.78 -16.20
C HIS A 75 1.47 -33.42 -14.90
N LEU A 76 2.21 -33.22 -13.81
CA LEU A 76 1.87 -33.79 -12.52
C LEU A 76 0.46 -33.42 -12.07
N PHE A 77 -0.20 -32.53 -12.81
CA PHE A 77 -1.53 -32.15 -12.40
C PHE A 77 -2.67 -32.61 -13.29
N LYS A 78 -2.81 -33.92 -13.48
CA LYS A 78 -3.90 -34.44 -14.29
C LYS A 78 -5.21 -34.45 -13.47
N GLY A 79 -6.33 -34.65 -14.16
CA GLY A 79 -7.66 -34.65 -13.56
C GLY A 79 -7.78 -34.78 -12.07
N ASN A 80 -8.52 -33.88 -11.46
CA ASN A 80 -8.77 -33.82 -10.00
C ASN A 80 -7.61 -33.40 -9.10
N ARG A 81 -6.43 -33.26 -9.68
CA ARG A 81 -5.29 -32.79 -8.93
C ARG A 81 -4.93 -31.49 -9.61
N LYS A 82 -5.64 -30.44 -9.24
CA LYS A 82 -5.44 -29.12 -9.83
C LYS A 82 -4.49 -28.24 -9.02
N PRO A 83 -3.55 -27.55 -9.68
CA PRO A 83 -2.67 -26.72 -8.85
C PRO A 83 -3.56 -25.68 -8.20
N THR A 84 -3.04 -24.93 -7.23
CA THR A 84 -3.89 -23.95 -6.58
C THR A 84 -3.67 -22.53 -7.04
N SER A 85 -4.61 -21.98 -7.78
CA SER A 85 -4.48 -20.59 -8.22
C SER A 85 -5.01 -19.83 -7.02
N GLY A 86 -4.46 -18.63 -6.79
CA GLY A 86 -4.91 -17.84 -5.65
C GLY A 86 -4.12 -18.17 -4.40
N ILE A 87 -3.03 -17.44 -4.18
CA ILE A 87 -2.20 -17.62 -3.02
C ILE A 87 -2.24 -16.35 -2.19
N LEU A 88 -2.49 -16.49 -0.91
CA LEU A 88 -2.58 -15.36 -0.03
C LEU A 88 -1.30 -15.18 0.78
N LEU A 89 -0.73 -13.98 0.73
CA LEU A 89 0.47 -13.64 1.47
C LEU A 89 0.03 -12.75 2.62
N TYR A 90 0.12 -13.22 3.85
CA TYR A 90 -0.30 -12.43 4.99
C TYR A 90 0.76 -12.38 6.07
N GLY A 91 0.85 -11.22 6.71
CA GLY A 91 1.83 -11.03 7.76
C GLY A 91 1.90 -9.60 8.25
N PRO A 92 2.68 -9.33 9.32
CA PRO A 92 2.81 -7.98 9.84
C PRO A 92 3.35 -7.05 8.78
N PRO A 93 2.95 -5.78 8.85
CA PRO A 93 3.39 -4.78 7.87
C PRO A 93 4.88 -4.57 7.87
N GLY A 94 5.42 -4.20 6.72
CA GLY A 94 6.85 -3.95 6.61
C GLY A 94 7.71 -5.17 6.35
N THR A 95 7.08 -6.32 6.09
CA THR A 95 7.84 -7.54 5.80
C THR A 95 8.11 -7.62 4.31
N GLY A 96 7.66 -6.57 3.60
CA GLY A 96 7.88 -6.47 2.15
C GLY A 96 7.38 -7.60 1.27
N LYS A 97 6.14 -8.03 1.47
CA LYS A 97 5.57 -9.09 0.68
C LYS A 97 5.63 -8.89 -0.83
N SER A 98 5.32 -7.70 -1.33
CA SER A 98 5.35 -7.49 -2.79
C SER A 98 6.71 -7.85 -3.38
N TYR A 99 7.78 -7.58 -2.65
CA TYR A 99 9.11 -7.91 -3.14
C TYR A 99 9.13 -9.41 -3.41
N LEU A 100 8.81 -10.18 -2.38
CA LEU A 100 8.77 -11.63 -2.43
C LEU A 100 7.92 -12.19 -3.57
N ALA A 101 6.83 -11.50 -3.89
CA ALA A 101 5.93 -11.94 -4.95
C ALA A 101 6.60 -11.72 -6.30
N LYS A 102 7.29 -10.59 -6.45
CA LYS A 102 8.03 -10.29 -7.65
C LYS A 102 9.07 -11.39 -7.79
N ALA A 103 9.55 -11.84 -6.65
CA ALA A 103 10.55 -12.87 -6.57
C ALA A 103 9.96 -14.13 -7.15
N VAL A 104 8.72 -14.44 -6.78
CA VAL A 104 8.06 -15.62 -7.31
C VAL A 104 8.04 -15.38 -8.80
N ALA A 105 7.39 -14.29 -9.22
CA ALA A 105 7.30 -13.96 -10.64
C ALA A 105 8.60 -14.29 -11.34
N THR A 106 9.69 -13.69 -10.89
CA THR A 106 11.01 -13.97 -11.48
C THR A 106 11.27 -15.48 -11.49
N GLU A 107 11.61 -16.05 -10.33
CA GLU A 107 11.90 -17.49 -10.18
C GLU A 107 11.09 -18.45 -11.08
N ALA A 108 10.02 -17.95 -11.68
CA ALA A 108 9.20 -18.77 -12.54
C ALA A 108 8.79 -17.96 -13.74
N ASN A 109 9.79 -17.33 -14.35
CA ASN A 109 9.60 -16.45 -15.51
C ASN A 109 8.14 -16.21 -15.75
N SER A 110 7.68 -15.05 -15.34
CA SER A 110 6.28 -14.66 -15.53
C SER A 110 6.25 -13.14 -15.45
N THR A 111 5.35 -12.51 -16.18
CA THR A 111 5.27 -11.07 -16.10
C THR A 111 4.44 -10.66 -14.87
N PHE A 112 5.02 -9.78 -14.07
CA PHE A 112 4.39 -9.27 -12.87
C PHE A 112 3.30 -8.29 -13.26
N PHE A 113 2.31 -8.10 -12.41
CA PHE A 113 1.22 -7.15 -12.64
C PHE A 113 0.69 -6.74 -11.27
N SER A 114 1.26 -5.69 -10.70
CA SER A 114 0.83 -5.25 -9.38
C SER A 114 -0.38 -4.33 -9.42
N VAL A 115 -0.80 -3.88 -8.26
CA VAL A 115 -1.94 -3.00 -8.15
C VAL A 115 -2.23 -2.86 -6.64
N SER A 116 -2.27 -1.62 -6.14
CA SER A 116 -2.55 -1.37 -4.71
C SER A 116 -4.02 -1.26 -4.39
N SER A 117 -4.53 -2.26 -3.67
CA SER A 117 -5.93 -2.27 -3.31
C SER A 117 -6.31 -0.93 -2.65
N SER A 118 -5.40 -0.38 -1.86
CA SER A 118 -5.65 0.89 -1.20
C SER A 118 -6.08 1.86 -2.26
N ASP A 119 -5.16 2.18 -3.16
CA ASP A 119 -5.43 3.12 -4.25
C ASP A 119 -6.71 2.78 -5.00
N LEU A 120 -6.95 1.50 -5.22
CA LEU A 120 -8.14 1.07 -5.94
C LEU A 120 -9.42 1.51 -5.24
N VAL A 121 -9.32 1.97 -4.00
CA VAL A 121 -10.49 2.40 -3.25
C VAL A 121 -10.38 3.89 -2.95
N SER A 122 -9.17 4.43 -3.02
CA SER A 122 -8.92 5.85 -2.77
C SER A 122 -8.66 6.60 -4.07
N LYS A 123 -7.38 6.84 -4.35
CA LYS A 123 -6.94 7.58 -5.54
C LYS A 123 -7.39 7.01 -6.90
N TRP A 124 -8.34 6.09 -6.90
CA TRP A 124 -8.83 5.49 -8.16
C TRP A 124 -10.17 4.79 -8.01
N MET A 125 -10.86 4.96 -6.89
CA MET A 125 -12.14 4.30 -6.69
C MET A 125 -13.12 4.42 -7.86
N GLY A 126 -12.92 5.43 -8.71
CA GLY A 126 -13.81 5.63 -9.85
C GLY A 126 -13.69 4.50 -10.87
N GLU A 127 -12.52 4.40 -11.48
CA GLU A 127 -12.24 3.37 -12.46
C GLU A 127 -11.92 2.03 -11.76
N SER A 128 -12.72 1.68 -10.76
CA SER A 128 -12.47 0.45 -10.00
C SER A 128 -12.74 -0.81 -10.83
N GLU A 129 -14.02 -1.10 -11.08
CA GLU A 129 -14.36 -2.29 -11.84
C GLU A 129 -13.51 -2.36 -13.12
N LYS A 130 -13.20 -1.21 -13.71
CA LYS A 130 -12.40 -1.18 -14.93
C LYS A 130 -11.02 -1.76 -14.73
N LEU A 131 -10.14 -0.93 -14.17
CA LEU A 131 -8.75 -1.32 -13.91
C LEU A 131 -8.65 -2.80 -13.52
N VAL A 132 -9.62 -3.29 -12.75
CA VAL A 132 -9.61 -4.69 -12.35
C VAL A 132 -9.75 -5.54 -13.60
N LYS A 133 -10.81 -5.32 -14.38
CA LYS A 133 -11.02 -6.06 -15.63
C LYS A 133 -9.80 -5.88 -16.52
N GLN A 134 -9.20 -4.69 -16.47
CA GLN A 134 -8.00 -4.34 -17.23
C GLN A 134 -6.79 -5.14 -16.77
N LEU A 135 -6.55 -5.12 -15.45
CA LEU A 135 -5.44 -5.83 -14.82
C LEU A 135 -5.47 -7.28 -15.22
N PHE A 136 -6.64 -7.90 -15.07
CA PHE A 136 -6.73 -9.30 -15.43
C PHE A 136 -6.56 -9.52 -16.92
N ALA A 137 -7.22 -8.68 -17.73
CA ALA A 137 -7.11 -8.81 -19.17
C ALA A 137 -5.64 -8.79 -19.56
N MET A 138 -4.99 -7.68 -19.24
CA MET A 138 -3.57 -7.49 -19.54
C MET A 138 -2.73 -8.73 -19.18
N ALA A 139 -2.88 -9.21 -17.95
CA ALA A 139 -2.13 -10.37 -17.46
C ALA A 139 -2.49 -11.60 -18.29
N ARG A 140 -3.78 -11.86 -18.38
CA ARG A 140 -4.28 -13.00 -19.14
C ARG A 140 -3.68 -13.06 -20.55
N GLU A 141 -3.30 -11.93 -21.10
CA GLU A 141 -2.72 -11.91 -22.44
C GLU A 141 -1.22 -11.65 -22.46
N ASN A 142 -0.53 -12.24 -21.49
CA ASN A 142 0.94 -12.12 -21.35
C ASN A 142 1.45 -13.35 -20.63
N LYS A 143 0.66 -14.41 -20.69
CA LYS A 143 0.97 -15.70 -20.06
C LYS A 143 2.39 -16.13 -20.42
N PRO A 144 3.18 -16.59 -19.43
CA PRO A 144 2.84 -16.75 -18.02
C PRO A 144 2.84 -15.40 -17.28
N SER A 145 1.96 -15.27 -16.29
CA SER A 145 1.90 -14.04 -15.55
C SER A 145 1.35 -14.16 -14.13
N ILE A 146 1.71 -13.18 -13.30
CA ILE A 146 1.26 -13.15 -11.92
C ILE A 146 0.57 -11.84 -11.63
N ILE A 147 -0.68 -11.95 -11.17
CA ILE A 147 -1.47 -10.79 -10.81
C ILE A 147 -1.29 -10.57 -9.32
N PHE A 148 -0.61 -9.50 -8.94
CA PHE A 148 -0.37 -9.21 -7.54
C PHE A 148 -1.29 -8.14 -6.93
N ILE A 149 -2.30 -8.55 -6.19
CA ILE A 149 -3.23 -7.62 -5.57
C ILE A 149 -2.80 -7.38 -4.14
N ASP A 150 -2.17 -6.23 -3.89
CA ASP A 150 -1.72 -5.92 -2.54
C ASP A 150 -2.84 -5.32 -1.69
N GLN A 151 -2.78 -5.56 -0.38
CA GLN A 151 -3.76 -5.02 0.55
C GLN A 151 -5.19 -5.42 0.23
N VAL A 152 -5.39 -6.72 -0.03
CA VAL A 152 -6.72 -7.24 -0.38
C VAL A 152 -7.78 -7.00 0.66
N ASP A 153 -7.36 -6.79 1.91
CA ASP A 153 -8.30 -6.54 3.00
C ASP A 153 -9.03 -5.22 2.76
N ALA A 154 -8.35 -4.32 2.04
CA ALA A 154 -8.84 -2.99 1.72
C ALA A 154 -10.18 -2.95 1.02
N LEU A 155 -10.51 -4.03 0.34
CA LEU A 155 -11.77 -4.11 -0.39
C LEU A 155 -12.99 -4.44 0.48
N THR A 156 -13.15 -3.76 1.62
CA THR A 156 -14.30 -4.01 2.49
C THR A 156 -14.43 -2.91 3.56
N ALA A 166 -21.39 0.56 -4.18
CA ALA A 166 -20.48 0.56 -3.04
C ALA A 166 -19.20 -0.20 -3.38
N SER A 167 -18.55 -0.74 -2.35
CA SER A 167 -17.33 -1.52 -2.55
C SER A 167 -17.73 -2.97 -2.78
N ARG A 168 -18.96 -3.31 -2.38
CA ARG A 168 -19.49 -4.64 -2.57
C ARG A 168 -19.66 -4.81 -4.08
N ARG A 169 -19.37 -3.76 -4.81
CA ARG A 169 -19.49 -3.78 -6.26
C ARG A 169 -18.15 -4.06 -6.91
N ILE A 170 -17.09 -3.98 -6.11
CA ILE A 170 -15.74 -4.23 -6.62
C ILE A 170 -15.29 -5.61 -6.15
N LYS A 171 -15.91 -6.11 -5.09
CA LYS A 171 -15.57 -7.42 -4.57
C LYS A 171 -15.99 -8.45 -5.60
N THR A 172 -17.14 -8.23 -6.24
CA THR A 172 -17.62 -9.18 -7.23
C THR A 172 -16.78 -9.23 -8.50
N GLU A 173 -16.40 -8.07 -9.03
CA GLU A 173 -15.60 -8.07 -10.24
C GLU A 173 -14.39 -8.96 -10.03
N LEU A 174 -13.83 -8.94 -8.83
CA LEU A 174 -12.69 -9.78 -8.55
C LEU A 174 -13.16 -11.22 -8.60
N LEU A 175 -14.18 -11.55 -7.82
CA LEU A 175 -14.68 -12.90 -7.83
C LEU A 175 -15.01 -13.36 -9.24
N VAL A 176 -15.63 -12.51 -10.02
CA VAL A 176 -15.94 -12.90 -11.39
C VAL A 176 -14.65 -13.24 -12.13
N GLN A 177 -13.61 -12.46 -11.90
CA GLN A 177 -12.33 -12.72 -12.58
C GLN A 177 -11.66 -13.98 -12.06
N MET A 178 -11.25 -13.95 -10.80
CA MET A 178 -10.56 -15.06 -10.18
C MET A 178 -11.21 -16.43 -10.34
N ASN A 179 -12.39 -16.62 -9.75
CA ASN A 179 -13.07 -17.89 -9.84
C ASN A 179 -13.50 -18.07 -11.33
N GLY A 180 -12.57 -17.68 -12.22
CA GLY A 180 -12.72 -17.76 -13.67
C GLY A 180 -11.36 -17.65 -14.37
N VAL A 181 -10.28 -17.90 -13.62
CA VAL A 181 -8.92 -17.83 -14.15
C VAL A 181 -8.25 -19.21 -14.14
N SER A 185 -8.65 -22.92 -15.58
CA SER A 185 -7.57 -22.78 -16.56
C SER A 185 -6.18 -22.63 -15.91
N GLN A 186 -5.12 -22.62 -16.73
CA GLN A 186 -3.76 -22.50 -16.22
C GLN A 186 -2.86 -21.52 -17.01
N GLY A 187 -3.06 -20.21 -16.81
CA GLY A 187 -2.24 -19.24 -17.50
C GLY A 187 -1.74 -18.11 -16.60
N VAL A 188 -2.60 -17.69 -15.68
CA VAL A 188 -2.29 -16.58 -14.77
C VAL A 188 -2.79 -16.83 -13.36
N LEU A 189 -1.88 -16.81 -12.38
CA LEU A 189 -2.28 -17.01 -10.99
C LEU A 189 -2.28 -15.72 -10.17
N VAL A 190 -3.20 -15.63 -9.23
CA VAL A 190 -3.32 -14.44 -8.42
C VAL A 190 -2.68 -14.54 -7.04
N LEU A 191 -1.72 -13.65 -6.78
CA LEU A 191 -1.09 -13.62 -5.47
C LEU A 191 -1.67 -12.40 -4.81
N GLY A 192 -2.23 -12.58 -3.63
CA GLY A 192 -2.80 -11.46 -2.91
C GLY A 192 -2.07 -11.32 -1.60
N ALA A 193 -1.84 -10.09 -1.18
CA ALA A 193 -1.15 -9.84 0.07
C ALA A 193 -1.96 -8.98 1.04
N THR A 194 -1.76 -9.21 2.34
CA THR A 194 -2.45 -8.46 3.39
C THR A 194 -1.67 -8.43 4.71
N ASN A 195 -1.82 -7.35 5.47
CA ASN A 195 -1.15 -7.21 6.76
C ASN A 195 -2.24 -7.37 7.78
N ILE A 196 -3.46 -7.54 7.30
CA ILE A 196 -4.63 -7.63 8.16
C ILE A 196 -5.53 -8.80 7.74
N PRO A 197 -5.05 -10.04 7.88
CA PRO A 197 -5.78 -11.26 7.53
C PRO A 197 -7.25 -11.23 7.93
N TRP A 198 -7.48 -10.95 9.21
CA TRP A 198 -8.83 -10.90 9.77
C TRP A 198 -9.79 -9.96 9.05
N GLN A 199 -9.46 -8.66 8.97
CA GLN A 199 -10.35 -7.73 8.29
C GLN A 199 -10.47 -8.02 6.79
N LEU A 200 -10.34 -9.30 6.43
CA LEU A 200 -10.44 -9.73 5.05
C LEU A 200 -11.79 -10.38 4.78
N ASP A 201 -12.40 -10.03 3.66
CA ASP A 201 -13.69 -10.58 3.31
C ASP A 201 -13.76 -12.10 3.41
N SER A 202 -14.81 -12.61 4.03
CA SER A 202 -14.99 -14.05 4.18
C SER A 202 -15.09 -14.77 2.83
N ALA A 203 -15.52 -14.04 1.80
CA ALA A 203 -15.67 -14.61 0.47
C ALA A 203 -14.34 -14.71 -0.25
N ILE A 204 -13.72 -13.56 -0.46
CA ILE A 204 -12.45 -13.49 -1.14
C ILE A 204 -11.43 -14.45 -0.54
N ARG A 205 -11.34 -14.50 0.79
CA ARG A 205 -10.36 -15.39 1.41
C ARG A 205 -10.52 -16.79 0.85
N ARG A 206 -11.77 -17.25 0.80
CA ARG A 206 -12.07 -18.58 0.33
C ARG A 206 -11.55 -18.82 -1.08
N ARG A 207 -11.37 -17.76 -1.84
CA ARG A 207 -10.88 -17.92 -3.20
C ARG A 207 -9.34 -17.85 -3.20
N PHE A 208 -8.78 -18.00 -2.00
CA PHE A 208 -7.34 -18.04 -1.77
C PHE A 208 -7.06 -19.35 -1.05
N GLU A 209 -7.01 -20.43 -1.83
CA GLU A 209 -6.79 -21.75 -1.27
C GLU A 209 -5.60 -21.77 -0.34
N ARG A 210 -4.39 -21.70 -0.89
CA ARG A 210 -3.13 -21.72 -0.14
C ARG A 210 -2.88 -20.40 0.64
N ARG A 211 -2.23 -20.48 1.80
CA ARG A 211 -1.99 -19.25 2.56
C ARG A 211 -0.70 -19.20 3.33
N ILE A 212 0.35 -18.64 2.73
CA ILE A 212 1.62 -18.53 3.43
C ILE A 212 1.63 -17.35 4.39
N TYR A 213 2.45 -17.48 5.43
CA TYR A 213 2.61 -16.47 6.48
C TYR A 213 4.02 -15.91 6.39
N ILE A 214 4.12 -14.59 6.23
CA ILE A 214 5.40 -13.89 6.11
C ILE A 214 5.63 -13.13 7.40
N PRO A 215 6.52 -13.63 8.25
CA PRO A 215 6.92 -13.12 9.56
C PRO A 215 7.94 -11.99 9.56
N LEU A 216 8.21 -11.48 10.77
CA LEU A 216 9.18 -10.43 10.90
C LEU A 216 10.53 -11.07 10.78
N PRO A 217 11.51 -10.34 10.28
CA PRO A 217 12.84 -10.91 10.12
C PRO A 217 13.49 -11.41 11.38
N ASP A 218 14.01 -12.65 11.32
CA ASP A 218 14.73 -13.22 12.45
C ASP A 218 16.13 -12.56 12.49
N LEU A 219 16.99 -13.02 13.38
CA LEU A 219 18.32 -12.41 13.52
C LEU A 219 19.13 -12.46 12.25
N ALA A 220 19.31 -13.66 11.71
CA ALA A 220 20.09 -13.83 10.50
C ALA A 220 19.47 -12.97 9.43
N ALA A 221 18.14 -12.97 9.40
CA ALA A 221 17.43 -12.19 8.42
C ALA A 221 17.77 -10.71 8.57
N ARG A 222 17.61 -10.17 9.77
CA ARG A 222 17.88 -8.76 10.01
C ARG A 222 19.36 -8.43 9.72
N THR A 223 20.28 -9.23 10.21
CA THR A 223 21.69 -8.97 9.93
C THR A 223 21.94 -8.80 8.43
N THR A 224 21.33 -9.63 7.62
CA THR A 224 21.52 -9.53 6.19
C THR A 224 20.93 -8.24 5.68
N MET A 225 19.70 -7.96 6.05
CA MET A 225 19.04 -6.74 5.63
C MET A 225 19.94 -5.54 5.87
N PHE A 226 20.64 -5.51 7.00
CA PHE A 226 21.51 -4.38 7.26
C PHE A 226 22.53 -4.37 6.16
N GLU A 227 23.25 -5.49 6.04
CA GLU A 227 24.28 -5.67 5.02
C GLU A 227 23.75 -5.32 3.63
N ILE A 228 22.68 -5.96 3.20
CA ILE A 228 22.12 -5.63 1.89
C ILE A 228 21.98 -4.10 1.82
N ASN A 229 21.02 -3.55 2.57
CA ASN A 229 20.78 -2.10 2.59
C ASN A 229 22.03 -1.25 2.49
N VAL A 230 23.03 -1.49 3.33
CA VAL A 230 24.23 -0.67 3.27
C VAL A 230 24.94 -0.83 1.93
N GLY A 231 25.33 -2.05 1.61
CA GLY A 231 26.00 -2.32 0.36
C GLY A 231 27.47 -1.93 0.22
N ASP A 232 27.79 -1.44 -0.96
CA ASP A 232 29.15 -1.04 -1.30
C ASP A 232 29.60 0.22 -0.57
N THR A 233 28.69 0.86 0.17
CA THR A 233 29.02 2.09 0.89
C THR A 233 30.14 1.87 1.88
N PRO A 234 31.19 2.69 1.80
CA PRO A 234 32.33 2.55 2.71
C PRO A 234 31.98 2.60 4.20
N SER A 235 32.25 1.50 4.89
CA SER A 235 31.95 1.43 6.31
C SER A 235 33.10 0.79 7.05
N VAL A 236 33.15 1.00 8.36
CA VAL A 236 34.19 0.42 9.19
C VAL A 236 33.61 -0.83 9.81
N LEU A 237 32.30 -1.00 9.67
CA LEU A 237 31.61 -2.13 10.26
C LEU A 237 32.06 -3.51 9.82
N THR A 238 32.39 -4.32 10.81
CA THR A 238 32.84 -5.69 10.68
C THR A 238 31.62 -6.53 10.41
N LYS A 239 31.80 -7.80 10.05
CA LYS A 239 30.64 -8.66 9.83
C LYS A 239 29.96 -8.86 11.18
N GLU A 240 30.76 -9.07 12.23
CA GLU A 240 30.26 -9.27 13.58
C GLU A 240 29.39 -8.10 14.02
N ASP A 241 29.82 -6.87 13.69
CA ASP A 241 29.07 -5.67 14.06
C ASP A 241 27.65 -5.78 13.54
N TYR A 242 27.51 -6.15 12.26
CA TYR A 242 26.21 -6.30 11.67
C TYR A 242 25.38 -7.32 12.44
N ARG A 243 26.02 -8.41 12.83
CA ARG A 243 25.34 -9.44 13.57
C ARG A 243 24.73 -8.76 14.80
N THR A 244 25.48 -7.81 15.37
CA THR A 244 25.02 -7.09 16.55
C THR A 244 23.83 -6.19 16.26
N LEU A 245 23.96 -5.29 15.29
CA LEU A 245 22.83 -4.44 14.94
C LEU A 245 21.63 -5.38 14.71
N GLY A 246 21.93 -6.60 14.29
CA GLY A 246 20.88 -7.54 14.05
C GLY A 246 20.17 -7.79 15.36
N ALA A 247 20.94 -8.10 16.39
CA ALA A 247 20.41 -8.38 17.70
C ALA A 247 19.79 -7.15 18.34
N MET A 248 20.40 -5.99 18.11
CA MET A 248 19.88 -4.78 18.68
C MET A 248 18.53 -4.40 18.10
N THR A 249 18.25 -4.89 16.90
CA THR A 249 17.00 -4.57 16.23
C THR A 249 15.92 -5.63 16.25
N GLU A 250 15.85 -6.40 17.33
CA GLU A 250 14.83 -7.43 17.47
C GLU A 250 13.48 -6.75 17.42
N GLY A 251 12.49 -7.38 16.80
CA GLY A 251 11.18 -6.77 16.72
C GLY A 251 10.99 -5.88 15.51
N TYR A 252 12.11 -5.47 14.91
CA TYR A 252 12.07 -4.62 13.72
C TYR A 252 11.64 -5.36 12.44
N SER A 253 11.09 -4.62 11.49
CA SER A 253 10.66 -5.17 10.20
C SER A 253 11.61 -4.74 9.09
N GLY A 254 11.45 -5.36 7.93
CA GLY A 254 12.29 -5.03 6.80
C GLY A 254 12.22 -3.54 6.57
N SER A 255 11.01 -3.00 6.57
CA SER A 255 10.84 -1.59 6.35
C SER A 255 11.56 -0.76 7.39
N ASP A 256 11.46 -1.18 8.66
CA ASP A 256 12.14 -0.42 9.71
C ASP A 256 13.63 -0.44 9.51
N ILE A 257 14.21 -1.63 9.41
CA ILE A 257 15.63 -1.69 9.21
C ILE A 257 16.00 -0.81 8.02
N ALA A 258 15.16 -0.80 6.99
CA ALA A 258 15.40 0.03 5.82
C ALA A 258 15.61 1.48 6.24
N VAL A 259 14.63 2.03 6.95
CA VAL A 259 14.71 3.40 7.44
C VAL A 259 15.97 3.59 8.28
N VAL A 260 16.21 2.67 9.21
CA VAL A 260 17.38 2.74 10.06
C VAL A 260 18.64 2.96 9.24
N VAL A 261 18.81 2.17 8.18
CA VAL A 261 20.01 2.30 7.38
C VAL A 261 19.99 3.51 6.50
N LYS A 262 18.81 3.87 6.00
CA LYS A 262 18.71 5.03 5.13
C LYS A 262 19.06 6.29 5.88
N ASP A 263 18.90 6.25 7.19
CA ASP A 263 19.21 7.42 7.97
C ASP A 263 20.66 7.37 8.40
N ALA A 264 21.16 6.15 8.58
CA ALA A 264 22.53 5.97 8.99
C ALA A 264 23.40 6.38 7.81
N LEU A 265 22.91 6.14 6.60
CA LEU A 265 23.65 6.48 5.39
C LEU A 265 23.73 7.97 5.20
N MET A 266 22.92 8.71 5.95
CA MET A 266 22.91 10.15 5.84
C MET A 266 23.93 10.79 6.80
N GLN A 267 24.59 9.98 7.61
CA GLN A 267 25.55 10.53 8.54
C GLN A 267 26.72 11.21 7.86
N PRO A 268 27.52 10.46 7.09
CA PRO A 268 28.64 11.15 6.45
C PRO A 268 28.19 12.33 5.58
N ILE A 269 27.10 12.20 4.84
CA ILE A 269 26.67 13.33 4.02
C ILE A 269 26.43 14.52 4.96
N ARG A 270 26.03 14.25 6.19
CA ARG A 270 25.82 15.35 7.14
C ARG A 270 27.17 15.73 7.69
N LYS A 271 28.02 14.72 7.91
CA LYS A 271 29.35 14.92 8.46
C LYS A 271 30.21 15.88 7.65
N ILE A 272 29.91 16.06 6.37
CA ILE A 272 30.70 16.99 5.59
C ILE A 272 29.85 18.23 5.32
N GLN A 273 28.55 18.12 5.56
CA GLN A 273 27.65 19.25 5.37
C GLN A 273 27.91 20.26 6.48
N SER A 274 28.35 19.74 7.63
CA SER A 274 28.63 20.57 8.78
C SER A 274 30.13 20.61 9.03
N ALA A 275 30.89 20.16 8.04
CA ALA A 275 32.34 20.12 8.15
C ALA A 275 32.99 21.48 8.03
N THR A 276 33.89 21.78 8.96
CA THR A 276 34.63 23.05 8.98
C THR A 276 36.04 22.85 8.41
N HIS A 277 36.83 22.03 9.09
CA HIS A 277 38.20 21.72 8.67
C HIS A 277 38.25 20.33 8.07
N PHE A 278 39.18 20.11 7.15
CA PHE A 278 39.37 18.81 6.51
C PHE A 278 40.74 18.22 6.81
N LYS A 279 41.12 17.19 6.07
CA LYS A 279 42.42 16.53 6.24
C LYS A 279 42.77 15.79 4.95
N ASP A 280 44.05 15.82 4.58
CA ASP A 280 44.48 15.12 3.38
C ASP A 280 44.88 13.73 3.80
N VAL A 281 43.98 12.77 3.61
CA VAL A 281 44.28 11.40 3.99
C VAL A 281 44.39 10.56 2.72
N SER A 282 45.56 10.64 2.10
CA SER A 282 45.87 9.92 0.89
C SER A 282 47.19 9.23 1.16
N THR A 283 47.32 7.98 0.70
CA THR A 283 48.56 7.25 0.89
C THR A 283 49.46 7.55 -0.31
N GLU A 284 50.77 7.54 -0.07
CA GLU A 284 51.76 7.83 -1.10
C GLU A 284 51.48 7.11 -2.42
N ASP A 285 50.47 6.23 -2.41
CA ASP A 285 50.12 5.45 -3.57
C ASP A 285 48.90 5.96 -4.33
N ASP A 286 48.08 6.79 -3.68
CA ASP A 286 46.86 7.31 -4.32
C ASP A 286 47.12 8.31 -5.44
N GLU A 287 46.32 8.23 -6.50
CA GLU A 287 46.47 9.13 -7.65
C GLU A 287 45.99 10.56 -7.31
N THR A 288 44.68 10.76 -7.20
CA THR A 288 44.12 12.08 -6.86
C THR A 288 44.07 12.22 -5.34
N ARG A 289 43.88 13.45 -4.86
CA ARG A 289 43.83 13.70 -3.42
C ARG A 289 42.55 13.20 -2.75
N LYS A 290 42.66 12.90 -1.47
CA LYS A 290 41.53 12.42 -0.67
C LYS A 290 41.36 13.29 0.57
N LEU A 291 40.52 14.30 0.44
CA LEU A 291 40.24 15.24 1.54
C LEU A 291 38.98 14.79 2.29
N THR A 292 39.15 14.44 3.57
CA THR A 292 38.02 13.99 4.41
C THR A 292 37.95 14.79 5.69
N PRO A 293 36.75 15.29 6.04
CA PRO A 293 36.53 16.08 7.25
C PRO A 293 37.29 15.57 8.47
N SER A 294 37.98 16.48 9.17
CA SER A 294 38.74 16.12 10.35
C SER A 294 38.36 16.99 11.54
N SER A 295 38.59 16.45 12.73
CA SER A 295 38.26 17.09 14.02
C SER A 295 39.09 18.30 14.44
N PRO A 296 38.41 19.40 14.75
CA PRO A 296 39.04 20.64 15.19
C PRO A 296 40.44 20.86 14.61
N GLY A 297 41.46 20.55 15.41
CA GLY A 297 42.83 20.71 14.95
C GLY A 297 43.63 19.45 15.20
N ASP A 298 43.43 18.44 14.34
CA ASP A 298 44.15 17.18 14.47
C ASP A 298 45.47 17.30 13.72
N ASP A 299 46.31 16.28 13.83
CA ASP A 299 47.60 16.28 13.16
C ASP A 299 47.42 16.32 11.64
N GLY A 300 46.53 17.20 11.18
CA GLY A 300 46.27 17.35 9.76
C GLY A 300 45.17 18.36 9.41
N ALA A 301 44.71 19.11 10.40
CA ALA A 301 43.64 20.12 10.22
C ALA A 301 43.85 21.05 9.02
N ILE A 302 42.84 21.85 8.67
CA ILE A 302 42.92 22.79 7.56
C ILE A 302 41.57 23.34 7.11
N GLU A 303 41.09 24.38 7.79
CA GLU A 303 39.80 25.01 7.49
C GLU A 303 39.43 25.16 6.02
N MET A 304 38.32 24.54 5.62
CA MET A 304 37.82 24.60 4.24
C MET A 304 36.39 24.07 4.19
N SER A 305 35.49 24.84 3.56
CA SER A 305 34.09 24.43 3.43
C SER A 305 33.96 23.49 2.25
N TRP A 306 33.30 22.36 2.47
CA TRP A 306 33.13 21.39 1.39
C TRP A 306 32.78 22.10 0.10
N THR A 307 32.19 23.29 0.21
CA THR A 307 31.80 24.08 -0.96
C THR A 307 32.98 24.16 -1.92
N ASP A 308 34.16 24.43 -1.39
CA ASP A 308 35.36 24.53 -2.22
C ASP A 308 36.20 23.26 -2.14
N ILE A 309 35.84 22.25 -2.94
CA ILE A 309 36.54 20.97 -3.00
C ILE A 309 36.20 20.22 -4.29
N GLU A 310 37.21 19.71 -4.97
CA GLU A 310 37.01 18.98 -6.23
C GLU A 310 36.25 17.68 -6.11
N ALA A 311 35.50 17.36 -7.15
CA ALA A 311 34.72 16.13 -7.21
C ALA A 311 35.65 14.96 -6.93
N ASP A 312 36.59 14.75 -7.84
CA ASP A 312 37.55 13.66 -7.75
C ASP A 312 38.31 13.65 -6.42
N GLU A 313 38.43 14.80 -5.76
CA GLU A 313 39.18 14.89 -4.52
C GLU A 313 38.43 14.62 -3.22
N LEU A 314 37.10 14.53 -3.28
CA LEU A 314 36.33 14.29 -2.06
C LEU A 314 36.41 12.84 -1.58
N LYS A 315 36.61 12.67 -0.26
CA LYS A 315 36.67 11.35 0.35
C LYS A 315 35.62 11.24 1.43
N GLU A 316 34.53 10.56 1.13
CA GLU A 316 33.42 10.34 2.05
C GLU A 316 33.90 9.56 3.27
N PRO A 317 33.49 9.97 4.49
CA PRO A 317 33.91 9.30 5.73
C PRO A 317 33.15 7.99 5.95
N ASP A 318 33.89 6.96 6.39
CA ASP A 318 33.32 5.64 6.61
C ASP A 318 32.27 5.61 7.68
N LEU A 319 31.24 4.81 7.45
CA LEU A 319 30.14 4.65 8.38
C LEU A 319 30.67 4.19 9.73
N THR A 320 30.06 4.67 10.81
CA THR A 320 30.51 4.28 12.14
C THR A 320 29.50 3.49 12.94
N ILE A 321 29.99 2.70 13.89
CA ILE A 321 29.09 1.91 14.72
C ILE A 321 28.16 2.90 15.36
N LYS A 322 28.72 3.99 15.87
CA LYS A 322 27.90 5.01 16.50
C LYS A 322 26.79 5.37 15.48
N ASP A 323 27.19 5.69 14.25
CA ASP A 323 26.27 6.04 13.15
C ASP A 323 25.00 5.21 13.08
N PHE A 324 25.13 3.91 13.31
CA PHE A 324 23.96 3.04 13.25
C PHE A 324 23.20 3.09 14.55
N LEU A 325 23.91 3.20 15.66
CA LEU A 325 23.24 3.27 16.96
C LEU A 325 22.34 4.51 16.99
N LYS A 326 22.92 5.64 16.59
CA LYS A 326 22.20 6.91 16.55
C LYS A 326 20.94 6.67 15.77
N ALA A 327 21.12 6.13 14.56
CA ALA A 327 19.99 5.84 13.69
C ALA A 327 19.05 4.79 14.26
N ILE A 328 19.61 3.79 14.93
CA ILE A 328 18.79 2.74 15.49
C ILE A 328 17.87 3.32 16.52
N LYS A 329 18.46 3.93 17.53
CA LYS A 329 17.73 4.57 18.63
C LYS A 329 16.72 5.57 18.09
N SER A 330 17.11 6.32 17.06
CA SER A 330 16.22 7.31 16.47
C SER A 330 14.93 6.68 15.97
N THR A 331 14.93 5.36 15.75
CA THR A 331 13.73 4.68 15.25
C THR A 331 13.10 3.66 16.18
N ARG A 332 11.77 3.62 16.21
CA ARG A 332 11.04 2.67 17.04
C ARG A 332 10.31 1.63 16.18
N PRO A 333 10.28 0.37 16.64
CA PRO A 333 9.60 -0.71 15.91
C PRO A 333 8.15 -0.38 15.56
N THR A 334 7.77 -0.65 14.33
CA THR A 334 6.41 -0.37 13.86
C THR A 334 5.33 -1.29 14.40
N VAL A 335 5.62 -2.60 14.45
CA VAL A 335 4.63 -3.54 14.97
C VAL A 335 4.61 -3.54 16.50
N ASN A 336 3.88 -4.48 17.09
CA ASN A 336 3.79 -4.61 18.54
C ASN A 336 3.18 -5.99 18.84
N GLU A 337 3.64 -6.63 19.92
CA GLU A 337 3.15 -7.96 20.31
C GLU A 337 1.64 -8.14 20.32
N ASP A 338 0.91 -7.03 20.24
CA ASP A 338 -0.55 -7.03 20.25
C ASP A 338 -1.03 -7.27 18.81
N ASP A 339 -0.76 -6.26 17.96
CA ASP A 339 -1.13 -6.26 16.54
C ASP A 339 -0.27 -7.29 15.79
N LEU A 340 0.10 -8.34 16.51
CA LEU A 340 0.93 -9.41 15.97
C LEU A 340 0.42 -10.73 16.51
N LEU A 341 -0.53 -10.66 17.43
CA LEU A 341 -1.07 -11.88 18.00
C LEU A 341 -2.24 -12.34 17.14
N LYS A 342 -2.91 -11.39 16.50
CA LYS A 342 -4.03 -11.69 15.62
C LYS A 342 -3.52 -12.53 14.44
N GLN A 343 -2.26 -12.29 14.05
CA GLN A 343 -1.65 -13.03 12.95
C GLN A 343 -1.75 -14.50 13.32
N GLU A 344 -1.06 -14.87 14.40
CA GLU A 344 -1.03 -16.26 14.87
C GLU A 344 -2.43 -16.85 14.93
N GLN A 345 -3.36 -16.15 15.58
CA GLN A 345 -4.73 -16.61 15.69
C GLN A 345 -5.21 -16.99 14.31
N PHE A 346 -5.03 -16.07 13.37
CA PHE A 346 -5.41 -16.29 11.99
C PHE A 346 -4.76 -17.57 11.43
N THR A 347 -3.45 -17.68 11.56
CA THR A 347 -2.75 -18.84 11.05
C THR A 347 -3.30 -20.11 11.69
N ARG A 348 -3.94 -19.96 12.84
CA ARG A 348 -4.52 -21.09 13.58
C ARG A 348 -5.88 -21.44 13.03
N ASP A 349 -6.73 -20.43 12.89
CA ASP A 349 -8.07 -20.63 12.38
C ASP A 349 -8.09 -20.81 10.86
N PHE A 350 -7.97 -19.69 10.13
CA PHE A 350 -8.02 -19.65 8.66
C PHE A 350 -8.74 -20.83 8.03
N GLY A 351 -10.00 -21.00 8.47
CA GLY A 351 -10.85 -22.09 8.01
C GLY A 351 -11.16 -22.06 6.52
N GLN A 352 -12.26 -21.41 6.13
CA GLN A 352 -12.64 -21.34 4.72
C GLN A 352 -11.39 -21.26 3.88
N GLU A 353 -10.86 -22.43 3.52
CA GLU A 353 -9.63 -22.50 2.73
C GLU A 353 -9.93 -22.87 1.28
N LEU B 37 -31.72 -12.00 -7.48
CA LEU B 37 -30.47 -12.29 -6.71
C LEU B 37 -30.40 -11.43 -5.46
N SER B 38 -30.40 -12.08 -4.29
CA SER B 38 -30.34 -11.39 -3.01
C SER B 38 -28.90 -11.15 -2.56
N SER B 39 -28.72 -11.01 -1.26
CA SER B 39 -27.39 -10.77 -0.68
C SER B 39 -26.72 -12.09 -0.29
N ALA B 40 -27.47 -12.93 0.43
CA ALA B 40 -26.96 -14.22 0.88
C ALA B 40 -27.95 -15.34 0.53
N ILE B 41 -29.22 -15.00 0.42
CA ILE B 41 -30.25 -15.97 0.09
C ILE B 41 -29.95 -16.58 -1.27
N LEU B 42 -28.91 -17.41 -1.32
CA LEU B 42 -28.47 -18.08 -2.53
C LEU B 42 -29.64 -18.70 -3.29
N SER B 43 -29.52 -18.77 -4.60
CA SER B 43 -30.58 -19.35 -5.43
C SER B 43 -29.98 -19.94 -6.69
N GLU B 44 -30.64 -20.97 -7.23
CA GLU B 44 -30.17 -21.64 -8.43
C GLU B 44 -31.15 -22.73 -8.81
N LYS B 45 -30.85 -23.45 -9.89
CA LYS B 45 -31.69 -24.55 -10.34
C LYS B 45 -30.77 -25.76 -10.43
N PRO B 46 -30.72 -26.58 -9.37
CA PRO B 46 -29.87 -27.77 -9.30
C PRO B 46 -30.01 -28.76 -10.44
N ASN B 47 -28.91 -29.45 -10.73
CA ASN B 47 -28.88 -30.47 -11.76
C ASN B 47 -28.24 -31.72 -11.12
N VAL B 48 -28.73 -32.06 -9.93
CA VAL B 48 -28.24 -33.20 -9.15
C VAL B 48 -29.30 -34.30 -8.98
N LYS B 49 -29.07 -35.45 -9.63
CA LYS B 49 -29.99 -36.58 -9.55
C LYS B 49 -29.71 -37.43 -8.31
N TRP B 50 -30.70 -38.21 -7.85
CA TRP B 50 -30.53 -39.08 -6.69
C TRP B 50 -29.39 -40.06 -6.98
N GLU B 51 -29.10 -40.22 -8.27
CA GLU B 51 -28.05 -41.11 -8.72
C GLU B 51 -26.68 -40.46 -8.51
N ASP B 52 -26.68 -39.16 -8.22
CA ASP B 52 -25.43 -38.42 -8.01
C ASP B 52 -25.08 -38.17 -6.53
N VAL B 53 -25.86 -38.74 -5.63
CA VAL B 53 -25.65 -38.59 -4.19
C VAL B 53 -25.12 -39.84 -3.51
N ALA B 54 -24.09 -39.64 -2.69
CA ALA B 54 -23.41 -40.67 -1.91
C ALA B 54 -24.13 -42.00 -1.84
N GLY B 55 -24.56 -42.41 -0.65
CA GLY B 55 -25.25 -43.67 -0.48
C GLY B 55 -26.72 -43.45 -0.17
N LEU B 56 -27.02 -43.24 1.11
CA LEU B 56 -28.37 -42.96 1.60
C LEU B 56 -29.46 -43.54 0.70
N GLU B 57 -29.47 -44.85 0.50
CA GLU B 57 -30.48 -45.46 -0.35
C GLU B 57 -31.86 -45.13 0.23
N GLY B 58 -31.94 -45.19 1.57
CA GLY B 58 -33.20 -44.94 2.27
C GLY B 58 -33.69 -43.52 2.39
N ALA B 59 -32.82 -42.61 2.84
CA ALA B 59 -33.21 -41.22 2.99
C ALA B 59 -33.82 -40.78 1.69
N LYS B 60 -33.22 -41.23 0.59
CA LYS B 60 -33.69 -40.90 -0.73
C LYS B 60 -35.15 -41.26 -0.90
N GLU B 61 -35.46 -42.51 -0.66
CA GLU B 61 -36.85 -42.98 -0.76
C GLU B 61 -37.74 -41.98 -0.05
N ALA B 62 -37.47 -41.78 1.23
CA ALA B 62 -38.22 -40.85 2.06
C ALA B 62 -38.49 -39.54 1.38
N LEU B 63 -37.44 -38.82 0.98
CA LEU B 63 -37.63 -37.53 0.34
C LEU B 63 -38.60 -37.60 -0.82
N LYS B 64 -38.40 -38.55 -1.72
CA LYS B 64 -39.32 -38.69 -2.84
C LYS B 64 -40.73 -38.77 -2.25
N GLU B 65 -40.91 -39.77 -1.39
CA GLU B 65 -42.19 -40.05 -0.71
C GLU B 65 -42.78 -38.88 0.07
N ALA B 66 -42.02 -37.81 0.27
CA ALA B 66 -42.53 -36.69 1.05
C ALA B 66 -42.68 -35.38 0.28
N VAL B 67 -42.06 -35.30 -0.88
CA VAL B 67 -42.13 -34.10 -1.71
C VAL B 67 -42.60 -34.46 -3.11
N ILE B 68 -41.89 -35.40 -3.73
CA ILE B 68 -42.20 -35.84 -5.07
C ILE B 68 -43.61 -36.33 -5.22
N LEU B 69 -44.03 -37.17 -4.28
CA LEU B 69 -45.36 -37.75 -4.31
C LEU B 69 -46.53 -36.79 -4.13
N PRO B 70 -46.45 -35.88 -3.14
CA PRO B 70 -47.55 -34.94 -2.94
C PRO B 70 -47.76 -33.97 -4.11
N VAL B 71 -46.69 -33.65 -4.83
CA VAL B 71 -46.79 -32.74 -5.97
C VAL B 71 -47.19 -33.52 -7.23
N LYS B 72 -46.82 -34.79 -7.27
CA LYS B 72 -47.14 -35.66 -8.39
C LYS B 72 -48.63 -35.98 -8.42
N PHE B 73 -49.21 -36.14 -7.23
CA PHE B 73 -50.62 -36.46 -7.11
C PHE B 73 -51.27 -35.56 -6.06
N PRO B 74 -51.42 -34.25 -6.38
CA PRO B 74 -52.03 -33.28 -5.46
C PRO B 74 -53.45 -33.62 -5.02
N HIS B 75 -54.20 -34.30 -5.90
CA HIS B 75 -55.59 -34.67 -5.59
C HIS B 75 -55.66 -35.57 -4.37
N LEU B 76 -54.72 -36.51 -4.27
CA LEU B 76 -54.65 -37.45 -3.14
C LEU B 76 -54.72 -36.79 -1.78
N PHE B 77 -54.59 -35.47 -1.74
CA PHE B 77 -54.62 -34.73 -0.49
C PHE B 77 -55.78 -33.76 -0.37
N LYS B 78 -57.01 -34.28 -0.38
CA LYS B 78 -58.18 -33.44 -0.24
C LYS B 78 -58.25 -32.87 1.18
N GLY B 79 -59.43 -32.38 1.58
CA GLY B 79 -59.56 -31.80 2.91
C GLY B 79 -58.98 -32.65 4.01
N ASN B 80 -58.74 -32.02 5.17
CA ASN B 80 -58.17 -32.67 6.36
C ASN B 80 -57.16 -33.77 6.12
N ARG B 81 -56.46 -33.67 4.99
CA ARG B 81 -55.44 -34.64 4.63
C ARG B 81 -54.40 -33.91 3.82
N LYS B 82 -53.81 -32.89 4.41
CA LYS B 82 -52.79 -32.08 3.75
C LYS B 82 -51.41 -32.73 3.87
N PRO B 83 -50.50 -32.45 2.91
CA PRO B 83 -49.15 -33.02 2.91
C PRO B 83 -48.25 -32.30 3.91
N THR B 84 -47.09 -32.88 4.17
CA THR B 84 -46.15 -32.30 5.12
C THR B 84 -45.83 -30.87 4.74
N SER B 85 -45.38 -30.09 5.72
CA SER B 85 -45.03 -28.71 5.44
C SER B 85 -43.58 -28.45 5.84
N GLY B 86 -43.09 -29.27 6.77
CA GLY B 86 -41.71 -29.11 7.23
C GLY B 86 -40.95 -30.43 7.26
N ILE B 87 -39.85 -30.48 6.50
CA ILE B 87 -39.02 -31.68 6.44
C ILE B 87 -37.63 -31.49 7.04
N LEU B 88 -37.43 -31.96 8.26
CA LEU B 88 -36.15 -31.86 8.93
C LEU B 88 -35.16 -32.97 8.57
N LEU B 89 -33.94 -32.60 8.17
CA LEU B 89 -32.87 -33.53 7.83
C LEU B 89 -31.86 -33.42 8.95
N TYR B 90 -31.81 -34.39 9.86
CA TYR B 90 -30.86 -34.31 10.97
C TYR B 90 -29.84 -35.41 10.79
N GLY B 91 -28.69 -35.25 11.42
CA GLY B 91 -27.64 -36.25 11.29
C GLY B 91 -26.22 -35.73 11.44
N PRO B 92 -25.27 -36.60 11.84
CA PRO B 92 -23.90 -36.13 11.99
C PRO B 92 -23.37 -35.36 10.78
N PRO B 93 -22.50 -34.39 11.03
CA PRO B 93 -21.88 -33.52 10.03
C PRO B 93 -20.90 -34.16 9.09
N GLY B 94 -21.04 -33.83 7.81
CA GLY B 94 -20.15 -34.34 6.80
C GLY B 94 -20.89 -35.19 5.82
N THR B 95 -22.17 -35.42 6.12
CA THR B 95 -23.03 -36.24 5.27
C THR B 95 -23.51 -35.45 4.05
N GLY B 96 -23.30 -34.13 4.07
CA GLY B 96 -23.69 -33.27 2.96
C GLY B 96 -25.18 -33.09 2.74
N LYS B 97 -25.91 -32.72 3.78
CA LYS B 97 -27.37 -32.53 3.69
C LYS B 97 -27.75 -31.52 2.60
N SER B 98 -26.93 -30.48 2.45
CA SER B 98 -27.14 -29.43 1.46
C SER B 98 -27.34 -30.06 0.07
N TYR B 99 -26.46 -30.97 -0.27
CA TYR B 99 -26.50 -31.64 -1.55
C TYR B 99 -27.75 -32.50 -1.68
N LEU B 100 -28.17 -33.15 -0.59
CA LEU B 100 -29.36 -34.00 -0.64
C LEU B 100 -30.55 -33.11 -0.93
N ALA B 101 -30.71 -32.06 -0.14
CA ALA B 101 -31.82 -31.12 -0.34
C ALA B 101 -31.89 -30.77 -1.82
N LYS B 102 -30.75 -30.42 -2.42
CA LYS B 102 -30.72 -30.08 -3.85
C LYS B 102 -31.18 -31.28 -4.69
N ALA B 103 -30.65 -32.46 -4.40
CA ALA B 103 -31.01 -33.68 -5.12
C ALA B 103 -32.52 -33.87 -5.21
N VAL B 104 -33.25 -33.14 -4.38
CA VAL B 104 -34.71 -33.20 -4.35
C VAL B 104 -35.20 -32.15 -5.33
N ALA B 105 -34.92 -30.90 -4.99
CA ALA B 105 -35.28 -29.76 -5.81
C ALA B 105 -35.15 -30.13 -7.28
N THR B 106 -34.12 -30.90 -7.58
CA THR B 106 -33.85 -31.33 -8.93
C THR B 106 -34.84 -32.36 -9.48
N GLU B 107 -34.75 -33.60 -9.00
CA GLU B 107 -35.62 -34.68 -9.47
C GLU B 107 -37.11 -34.37 -9.20
N ALA B 108 -37.41 -33.10 -8.94
CA ALA B 108 -38.78 -32.63 -8.69
C ALA B 108 -39.04 -31.37 -9.53
N ASN B 109 -38.32 -31.25 -10.64
CA ASN B 109 -38.42 -30.13 -11.56
C ASN B 109 -38.61 -28.77 -10.89
N SER B 110 -38.12 -28.63 -9.65
CA SER B 110 -38.25 -27.39 -8.90
C SER B 110 -37.05 -26.46 -8.99
N THR B 111 -37.01 -25.45 -8.13
CA THR B 111 -35.90 -24.49 -8.10
C THR B 111 -35.34 -24.41 -6.69
N PHE B 112 -34.04 -24.19 -6.57
CA PHE B 112 -33.35 -24.16 -5.27
C PHE B 112 -33.09 -22.77 -4.66
N PHE B 113 -33.44 -22.63 -3.37
CA PHE B 113 -33.24 -21.39 -2.63
C PHE B 113 -32.62 -21.72 -1.29
N SER B 114 -31.30 -21.65 -1.21
CA SER B 114 -30.59 -21.98 0.02
C SER B 114 -30.30 -20.75 0.89
N VAL B 115 -29.95 -21.00 2.14
CA VAL B 115 -29.65 -19.93 3.08
C VAL B 115 -29.06 -20.57 4.34
N SER B 116 -27.94 -20.06 4.82
CA SER B 116 -27.33 -20.62 6.01
C SER B 116 -27.71 -19.89 7.28
N SER B 117 -28.24 -20.64 8.25
CA SER B 117 -28.64 -20.07 9.52
C SER B 117 -27.42 -19.69 10.36
N SER B 118 -26.24 -19.87 9.78
CA SER B 118 -24.98 -19.54 10.46
C SER B 118 -24.49 -18.18 9.96
N ASP B 119 -25.35 -17.49 9.25
CA ASP B 119 -25.04 -16.19 8.72
C ASP B 119 -26.11 -15.25 9.21
N LEU B 120 -27.34 -15.70 9.08
CA LEU B 120 -28.49 -14.93 9.51
C LEU B 120 -28.34 -14.44 10.95
N VAL B 121 -27.70 -15.24 11.79
CA VAL B 121 -27.50 -14.82 13.17
C VAL B 121 -26.14 -14.09 13.26
N SER B 122 -25.24 -14.43 12.35
CA SER B 122 -23.91 -13.84 12.32
C SER B 122 -23.80 -12.60 11.43
N LYS B 123 -22.92 -12.67 10.43
CA LYS B 123 -22.66 -11.58 9.49
C LYS B 123 -23.87 -10.92 8.81
N TRP B 124 -25.06 -11.40 9.13
CA TRP B 124 -26.28 -10.84 8.55
C TRP B 124 -27.34 -10.56 9.62
N MET B 125 -26.94 -9.96 10.75
CA MET B 125 -27.92 -9.68 11.81
C MET B 125 -28.61 -8.32 11.65
N GLY B 126 -28.04 -7.47 10.79
CA GLY B 126 -28.63 -6.16 10.55
C GLY B 126 -29.89 -6.32 9.72
N GLU B 127 -29.81 -7.16 8.69
CA GLU B 127 -30.94 -7.41 7.82
C GLU B 127 -31.43 -8.85 8.03
N SER B 128 -31.66 -9.20 9.30
CA SER B 128 -32.12 -10.53 9.65
C SER B 128 -33.58 -10.79 9.31
N GLU B 129 -34.48 -10.35 10.19
CA GLU B 129 -35.91 -10.55 10.01
C GLU B 129 -36.50 -10.04 8.70
N LYS B 130 -35.65 -9.76 7.72
CA LYS B 130 -36.12 -9.25 6.42
C LYS B 130 -35.70 -10.12 5.23
N LEU B 131 -34.47 -10.62 5.25
CA LEU B 131 -33.98 -11.47 4.17
C LEU B 131 -34.85 -12.72 4.15
N VAL B 132 -35.53 -12.98 5.26
CA VAL B 132 -36.42 -14.13 5.44
C VAL B 132 -37.58 -14.11 4.43
N LYS B 133 -38.41 -13.08 4.53
CA LYS B 133 -39.52 -12.96 3.62
C LYS B 133 -38.95 -12.99 2.20
N GLN B 134 -37.80 -12.36 2.02
CA GLN B 134 -37.14 -12.31 0.71
C GLN B 134 -36.96 -13.70 0.11
N LEU B 135 -36.51 -14.63 0.95
CA LEU B 135 -36.31 -16.00 0.49
C LEU B 135 -37.66 -16.54 0.05
N PHE B 136 -38.59 -16.65 1.00
CA PHE B 136 -39.91 -17.16 0.69
C PHE B 136 -40.53 -16.46 -0.51
N ALA B 137 -40.43 -15.15 -0.53
CA ALA B 137 -40.98 -14.39 -1.63
C ALA B 137 -40.53 -14.99 -2.96
N MET B 138 -39.22 -14.93 -3.23
CA MET B 138 -38.65 -15.46 -4.48
C MET B 138 -39.23 -16.79 -4.92
N ALA B 139 -39.07 -17.81 -4.08
CA ALA B 139 -39.58 -19.14 -4.38
C ALA B 139 -41.08 -19.08 -4.61
N ARG B 140 -41.78 -18.42 -3.68
CA ARG B 140 -43.22 -18.25 -3.75
C ARG B 140 -43.57 -17.80 -5.15
N GLU B 141 -42.86 -16.77 -5.62
CA GLU B 141 -43.07 -16.22 -6.95
C GLU B 141 -42.14 -16.85 -7.98
N ASN B 142 -41.79 -18.11 -7.75
CA ASN B 142 -40.92 -18.86 -8.65
C ASN B 142 -41.15 -20.35 -8.42
N LYS B 143 -42.41 -20.76 -8.46
CA LYS B 143 -42.79 -22.15 -8.27
C LYS B 143 -42.59 -22.98 -9.53
N PRO B 144 -42.34 -24.29 -9.38
CA PRO B 144 -42.22 -25.00 -8.11
C PRO B 144 -40.84 -24.75 -7.50
N SER B 145 -40.75 -24.78 -6.17
CA SER B 145 -39.46 -24.53 -5.53
C SER B 145 -39.26 -25.19 -4.17
N ILE B 146 -38.13 -24.86 -3.51
CA ILE B 146 -37.78 -25.41 -2.20
C ILE B 146 -37.00 -24.40 -1.36
N ILE B 147 -37.38 -24.25 -0.09
CA ILE B 147 -36.69 -23.31 0.80
C ILE B 147 -35.75 -24.05 1.77
N PHE B 148 -34.50 -24.25 1.37
CA PHE B 148 -33.53 -24.97 2.20
C PHE B 148 -32.83 -24.12 3.25
N ILE B 149 -33.24 -24.27 4.52
CA ILE B 149 -32.62 -23.51 5.59
C ILE B 149 -31.61 -24.35 6.33
N ASP B 150 -30.34 -24.20 5.97
CA ASP B 150 -29.27 -24.96 6.62
C ASP B 150 -29.18 -24.61 8.12
N GLN B 151 -28.50 -25.47 8.87
CA GLN B 151 -28.30 -25.30 10.30
C GLN B 151 -29.46 -24.62 11.03
N VAL B 152 -30.67 -25.13 10.86
CA VAL B 152 -31.83 -24.55 11.52
C VAL B 152 -31.74 -24.57 13.04
N ASP B 153 -30.76 -25.27 13.57
CA ASP B 153 -30.60 -25.32 15.03
C ASP B 153 -29.82 -24.09 15.45
N ALA B 154 -29.42 -23.30 14.45
CA ALA B 154 -28.66 -22.07 14.69
C ALA B 154 -29.61 -20.91 14.95
N LEU B 155 -30.65 -21.17 15.75
CA LEU B 155 -31.65 -20.16 16.11
C LEU B 155 -32.01 -20.28 17.60
N THR B 156 -30.99 -20.37 18.45
CA THR B 156 -31.20 -20.50 19.88
C THR B 156 -29.91 -20.24 20.67
N ALA B 166 -33.60 -10.16 20.14
CA ALA B 166 -32.66 -10.78 21.06
C ALA B 166 -32.06 -12.04 20.45
N SER B 167 -31.95 -13.10 21.25
CA SER B 167 -31.41 -14.38 20.79
C SER B 167 -32.44 -15.01 19.84
N ARG B 168 -33.71 -14.84 20.17
CA ARG B 168 -34.81 -15.37 19.36
C ARG B 168 -35.52 -14.22 18.65
N ARG B 169 -34.74 -13.27 18.13
CA ARG B 169 -35.29 -12.11 17.43
C ARG B 169 -36.24 -12.54 16.32
N ILE B 170 -35.74 -12.61 15.10
CA ILE B 170 -36.54 -13.01 13.94
C ILE B 170 -36.86 -14.50 13.95
N LYS B 171 -36.66 -15.13 15.10
CA LYS B 171 -36.94 -16.55 15.26
C LYS B 171 -38.45 -16.80 15.35
N THR B 172 -39.21 -16.05 14.56
CA THR B 172 -40.66 -16.18 14.53
C THR B 172 -41.20 -15.84 13.14
N GLU B 173 -40.51 -14.93 12.45
CA GLU B 173 -40.90 -14.51 11.11
C GLU B 173 -41.17 -15.72 10.23
N LEU B 174 -40.35 -16.75 10.43
CA LEU B 174 -40.46 -17.98 9.67
C LEU B 174 -41.70 -18.76 10.10
N LEU B 175 -41.94 -18.83 11.41
CA LEU B 175 -43.09 -19.54 11.95
C LEU B 175 -44.35 -19.16 11.19
N VAL B 176 -44.34 -17.95 10.64
CA VAL B 176 -45.48 -17.45 9.88
C VAL B 176 -45.42 -17.90 8.42
N GLN B 177 -44.25 -17.73 7.81
CA GLN B 177 -44.08 -18.13 6.42
C GLN B 177 -44.39 -19.62 6.20
N MET B 178 -44.26 -20.41 7.25
CA MET B 178 -44.54 -21.84 7.17
C MET B 178 -45.94 -22.20 7.68
N ASN B 179 -46.13 -22.13 9.00
CA ASN B 179 -47.41 -22.47 9.60
C ASN B 179 -48.49 -21.44 9.16
N GLY B 180 -48.07 -20.28 8.65
CA GLY B 180 -49.01 -19.29 8.18
C GLY B 180 -49.24 -19.50 6.69
N VAL B 181 -48.31 -20.21 6.06
CA VAL B 181 -48.40 -20.52 4.62
C VAL B 181 -47.54 -21.73 4.22
N GLY B 187 -47.31 -24.54 -3.20
CA GLY B 187 -46.34 -25.13 -4.12
C GLY B 187 -44.88 -24.94 -3.75
N VAL B 188 -44.61 -24.66 -2.47
CA VAL B 188 -43.25 -24.47 -1.97
C VAL B 188 -43.01 -25.18 -0.66
N LEU B 189 -42.47 -26.40 -0.76
CA LEU B 189 -42.17 -27.24 0.39
C LEU B 189 -40.85 -26.79 1.03
N VAL B 190 -40.85 -26.71 2.36
CA VAL B 190 -39.68 -26.26 3.11
C VAL B 190 -38.78 -27.37 3.62
N LEU B 191 -37.47 -27.11 3.61
CA LEU B 191 -36.49 -28.09 4.06
C LEU B 191 -35.52 -27.51 5.09
N GLY B 192 -35.47 -28.11 6.27
CA GLY B 192 -34.59 -27.65 7.31
C GLY B 192 -33.56 -28.72 7.60
N ALA B 193 -32.32 -28.33 7.85
CA ALA B 193 -31.24 -29.28 8.11
C ALA B 193 -30.45 -28.95 9.36
N THR B 194 -30.13 -29.98 10.13
CA THR B 194 -29.36 -29.79 11.36
C THR B 194 -28.46 -30.97 11.68
N ASN B 195 -27.33 -30.68 12.32
CA ASN B 195 -26.39 -31.72 12.72
C ASN B 195 -26.62 -31.98 14.19
N ILE B 196 -27.44 -31.12 14.79
CA ILE B 196 -27.76 -31.24 16.19
C ILE B 196 -29.25 -31.09 16.40
N PRO B 197 -30.01 -32.19 16.32
CA PRO B 197 -31.46 -32.11 16.51
C PRO B 197 -31.77 -31.78 17.98
N TRP B 198 -31.12 -32.53 18.87
CA TRP B 198 -31.29 -32.36 20.30
C TRP B 198 -31.17 -30.90 20.73
N GLN B 199 -30.54 -30.07 19.90
CA GLN B 199 -30.39 -28.65 20.24
C GLN B 199 -31.21 -27.79 19.28
N LEU B 200 -32.41 -28.26 18.97
CA LEU B 200 -33.31 -27.54 18.07
C LEU B 200 -34.47 -26.91 18.85
N ASP B 201 -35.21 -26.02 18.19
CA ASP B 201 -36.35 -25.32 18.79
C ASP B 201 -37.61 -26.17 19.00
N SER B 202 -38.06 -26.25 20.25
CA SER B 202 -39.25 -27.03 20.61
C SER B 202 -40.51 -26.50 19.93
N ALA B 203 -40.46 -25.25 19.51
CA ALA B 203 -41.60 -24.64 18.84
C ALA B 203 -41.45 -24.82 17.34
N ILE B 204 -40.24 -24.50 16.86
CA ILE B 204 -39.92 -24.63 15.44
C ILE B 204 -39.92 -26.11 15.06
N ARG B 205 -39.54 -26.96 16.01
CA ARG B 205 -39.49 -28.39 15.78
C ARG B 205 -40.80 -28.87 15.15
N ARG B 206 -41.90 -28.50 15.80
CA ARG B 206 -43.25 -28.86 15.36
C ARG B 206 -43.61 -28.39 13.96
N ARG B 207 -42.81 -27.49 13.39
CA ARG B 207 -43.09 -26.99 12.06
C ARG B 207 -42.58 -27.93 10.97
N PHE B 208 -41.81 -28.93 11.38
CA PHE B 208 -41.28 -29.94 10.46
C PHE B 208 -41.82 -31.28 10.92
N GLU B 209 -42.97 -31.66 10.38
CA GLU B 209 -43.59 -32.91 10.77
C GLU B 209 -42.72 -34.12 10.43
N ARG B 210 -42.22 -34.14 9.20
CA ARG B 210 -41.37 -35.24 8.73
C ARG B 210 -39.91 -35.05 9.10
N ARG B 211 -39.29 -36.10 9.64
CA ARG B 211 -37.89 -36.02 10.03
C ARG B 211 -37.01 -37.18 9.59
N ILE B 212 -36.17 -36.92 8.60
CA ILE B 212 -35.26 -37.90 8.04
C ILE B 212 -33.90 -37.85 8.70
N TYR B 213 -33.33 -39.04 8.91
CA TYR B 213 -32.01 -39.17 9.51
C TYR B 213 -31.03 -39.45 8.39
N ILE B 214 -29.92 -38.72 8.35
CA ILE B 214 -28.91 -38.93 7.31
C ILE B 214 -27.64 -39.43 7.97
N PRO B 215 -27.43 -40.76 7.94
CA PRO B 215 -26.29 -41.48 8.50
C PRO B 215 -24.98 -41.34 7.75
N LEU B 216 -23.88 -41.66 8.42
CA LEU B 216 -22.58 -41.60 7.78
C LEU B 216 -22.58 -42.70 6.73
N PRO B 217 -21.84 -42.48 5.63
CA PRO B 217 -21.78 -43.48 4.55
C PRO B 217 -21.43 -44.88 5.00
N ASP B 218 -22.23 -45.84 4.52
CA ASP B 218 -22.03 -47.25 4.82
C ASP B 218 -20.87 -47.69 3.96
N LEU B 219 -20.36 -48.89 4.22
CA LEU B 219 -19.21 -49.39 3.48
C LEU B 219 -19.28 -49.17 1.97
N ALA B 220 -20.41 -49.57 1.37
CA ALA B 220 -20.58 -49.42 -0.06
C ALA B 220 -20.42 -47.94 -0.43
N ALA B 221 -21.09 -47.07 0.32
CA ALA B 221 -21.02 -45.63 0.09
C ALA B 221 -19.59 -45.16 0.15
N ARG B 222 -18.95 -45.31 1.31
CA ARG B 222 -17.56 -44.89 1.50
C ARG B 222 -16.66 -45.30 0.35
N THR B 223 -16.95 -46.44 -0.28
CA THR B 223 -16.12 -46.86 -1.37
C THR B 223 -16.39 -45.94 -2.56
N THR B 224 -17.66 -45.74 -2.89
CA THR B 224 -18.01 -44.87 -4.02
C THR B 224 -17.41 -43.50 -3.77
N MET B 225 -17.59 -42.96 -2.57
CA MET B 225 -17.06 -41.64 -2.27
C MET B 225 -15.57 -41.59 -2.60
N PHE B 226 -14.84 -42.68 -2.34
CA PHE B 226 -13.42 -42.69 -2.62
C PHE B 226 -13.15 -42.61 -4.11
N GLU B 227 -13.92 -43.38 -4.88
CA GLU B 227 -13.72 -43.38 -6.31
C GLU B 227 -14.08 -42.01 -6.88
N ILE B 228 -15.28 -41.52 -6.55
CA ILE B 228 -15.70 -40.22 -7.04
C ILE B 228 -14.65 -39.16 -6.79
N ASN B 229 -14.22 -39.02 -5.54
CA ASN B 229 -13.20 -38.04 -5.20
C ASN B 229 -11.98 -38.14 -6.11
N VAL B 230 -11.35 -39.31 -6.14
CA VAL B 230 -10.18 -39.52 -6.97
C VAL B 230 -10.42 -39.22 -8.44
N GLY B 231 -11.67 -39.42 -8.86
CA GLY B 231 -12.03 -39.17 -10.24
C GLY B 231 -11.07 -39.78 -11.23
N ASP B 232 -10.88 -39.10 -12.35
CA ASP B 232 -10.00 -39.56 -13.40
C ASP B 232 -8.50 -39.33 -13.13
N THR B 233 -8.14 -39.04 -11.88
CA THR B 233 -6.73 -38.80 -11.59
C THR B 233 -5.97 -40.08 -11.82
N PRO B 234 -4.94 -40.04 -12.67
CA PRO B 234 -4.14 -41.23 -12.96
C PRO B 234 -3.78 -42.00 -11.71
N SER B 235 -4.06 -43.30 -11.72
CA SER B 235 -3.74 -44.17 -10.58
C SER B 235 -3.63 -45.65 -10.91
N VAL B 236 -3.19 -46.41 -9.91
CA VAL B 236 -3.00 -47.85 -10.03
C VAL B 236 -4.01 -48.65 -9.21
N LEU B 237 -4.92 -47.99 -8.51
CA LEU B 237 -5.90 -48.71 -7.70
C LEU B 237 -6.72 -49.70 -8.51
N THR B 238 -7.19 -50.75 -7.85
CA THR B 238 -7.99 -51.78 -8.49
C THR B 238 -9.35 -51.75 -7.83
N LYS B 239 -10.38 -52.33 -8.45
CA LYS B 239 -11.70 -52.32 -7.83
C LYS B 239 -11.55 -52.81 -6.39
N GLU B 240 -10.65 -53.78 -6.20
CA GLU B 240 -10.41 -54.35 -4.88
C GLU B 240 -9.87 -53.30 -3.89
N ASP B 241 -8.97 -52.45 -4.38
CA ASP B 241 -8.37 -51.39 -3.55
C ASP B 241 -9.38 -50.38 -3.00
N TYR B 242 -10.30 -49.91 -3.84
CA TYR B 242 -11.28 -48.97 -3.36
C TYR B 242 -12.09 -49.62 -2.26
N ARG B 243 -12.47 -50.87 -2.45
CA ARG B 243 -13.24 -51.55 -1.42
C ARG B 243 -12.44 -51.57 -0.12
N THR B 244 -11.15 -51.91 -0.21
CA THR B 244 -10.31 -51.97 0.99
C THR B 244 -10.33 -50.63 1.71
N LEU B 245 -10.22 -49.57 0.91
CA LEU B 245 -10.25 -48.23 1.45
C LEU B 245 -11.59 -47.99 2.13
N GLY B 246 -12.64 -48.55 1.54
CA GLY B 246 -13.95 -48.39 2.13
C GLY B 246 -13.99 -48.85 3.56
N ALA B 247 -13.57 -50.10 3.80
CA ALA B 247 -13.62 -50.65 5.14
C ALA B 247 -12.60 -50.09 6.09
N MET B 248 -11.53 -49.53 5.54
CA MET B 248 -10.51 -48.96 6.39
C MET B 248 -10.92 -47.59 6.89
N THR B 249 -12.15 -47.17 6.64
CA THR B 249 -12.58 -45.86 7.06
C THR B 249 -13.93 -45.77 7.69
N GLU B 250 -14.35 -46.85 8.34
CA GLU B 250 -15.64 -46.89 9.00
C GLU B 250 -15.75 -45.79 10.03
N GLY B 251 -16.76 -44.93 9.89
CA GLY B 251 -16.93 -43.83 10.83
C GLY B 251 -16.62 -42.50 10.18
N TYR B 252 -15.98 -42.54 9.01
CA TYR B 252 -15.67 -41.33 8.29
C TYR B 252 -16.94 -40.74 7.66
N SER B 253 -16.90 -39.45 7.36
CA SER B 253 -18.04 -38.76 6.77
C SER B 253 -17.67 -38.48 5.34
N GLY B 254 -18.68 -38.21 4.53
CA GLY B 254 -18.43 -37.89 3.13
C GLY B 254 -17.31 -36.88 3.05
N SER B 255 -17.40 -35.87 3.91
CA SER B 255 -16.38 -34.83 3.96
C SER B 255 -14.99 -35.40 4.23
N ASP B 256 -14.84 -36.05 5.39
CA ASP B 256 -13.57 -36.63 5.79
C ASP B 256 -12.91 -37.43 4.67
N ILE B 257 -13.67 -38.31 4.04
CA ILE B 257 -13.10 -39.08 2.95
C ILE B 257 -12.53 -38.13 1.91
N ALA B 258 -13.21 -37.02 1.66
CA ALA B 258 -12.76 -36.03 0.69
C ALA B 258 -11.42 -35.43 1.09
N VAL B 259 -11.27 -35.19 2.39
CA VAL B 259 -10.01 -34.66 2.91
C VAL B 259 -8.97 -35.76 2.69
N VAL B 260 -9.30 -36.98 3.10
CA VAL B 260 -8.39 -38.12 2.91
C VAL B 260 -7.89 -38.17 1.46
N VAL B 261 -8.81 -38.18 0.50
CA VAL B 261 -8.41 -38.24 -0.89
C VAL B 261 -7.66 -37.02 -1.38
N LYS B 262 -7.98 -35.83 -0.86
CA LYS B 262 -7.24 -34.65 -1.32
C LYS B 262 -5.77 -34.85 -0.95
N ASP B 263 -5.53 -35.31 0.28
CA ASP B 263 -4.20 -35.57 0.80
C ASP B 263 -3.44 -36.61 -0.01
N ALA B 264 -4.12 -37.69 -0.34
CA ALA B 264 -3.50 -38.79 -1.09
C ALA B 264 -2.99 -38.45 -2.49
N LEU B 265 -3.81 -37.74 -3.26
CA LEU B 265 -3.50 -37.36 -4.65
C LEU B 265 -2.22 -36.54 -4.74
N MET B 266 -1.84 -35.98 -3.60
CA MET B 266 -0.66 -35.13 -3.51
C MET B 266 0.62 -35.87 -3.12
N GLN B 267 0.49 -37.13 -2.73
CA GLN B 267 1.66 -37.93 -2.37
C GLN B 267 2.78 -37.90 -3.41
N PRO B 268 2.52 -38.41 -4.62
CA PRO B 268 3.60 -38.37 -5.60
C PRO B 268 4.28 -37.00 -5.65
N ILE B 269 3.49 -35.94 -5.55
CA ILE B 269 4.10 -34.61 -5.57
C ILE B 269 4.90 -34.32 -4.33
N ARG B 270 4.28 -34.52 -3.17
CA ARG B 270 5.01 -34.29 -1.95
C ARG B 270 6.31 -35.11 -2.01
N LYS B 271 6.27 -36.31 -2.60
CA LYS B 271 7.47 -37.17 -2.68
C LYS B 271 8.59 -36.50 -3.48
N ILE B 272 8.23 -35.90 -4.60
CA ILE B 272 9.19 -35.22 -5.45
C ILE B 272 9.70 -33.93 -4.80
N GLN B 273 8.81 -33.29 -4.04
CA GLN B 273 9.12 -32.05 -3.34
C GLN B 273 10.19 -32.31 -2.31
N SER B 274 10.15 -33.48 -1.68
CA SER B 274 11.09 -33.76 -0.64
C SER B 274 12.17 -34.76 -0.96
N ALA B 275 12.41 -35.04 -2.23
CA ALA B 275 13.43 -36.01 -2.55
C ALA B 275 14.79 -35.35 -2.59
N THR B 276 15.83 -36.12 -2.26
CA THR B 276 17.22 -35.64 -2.25
C THR B 276 17.99 -36.37 -3.33
N HIS B 277 17.60 -37.61 -3.56
CA HIS B 277 18.23 -38.47 -4.58
C HIS B 277 17.16 -38.99 -5.57
N PHE B 278 17.53 -39.10 -6.84
CA PHE B 278 16.62 -39.60 -7.85
C PHE B 278 17.33 -40.77 -8.55
N LYS B 279 16.59 -41.58 -9.31
CA LYS B 279 17.16 -42.72 -10.02
C LYS B 279 16.77 -42.63 -11.49
N ASP B 280 17.61 -43.16 -12.38
CA ASP B 280 17.29 -43.08 -13.80
C ASP B 280 16.67 -44.35 -14.36
N VAL B 281 15.35 -44.46 -14.22
CA VAL B 281 14.62 -45.61 -14.70
C VAL B 281 14.28 -45.52 -16.18
N SER B 282 15.21 -45.04 -16.99
CA SER B 282 14.97 -44.93 -18.43
C SER B 282 15.71 -46.01 -19.19
N THR B 283 15.08 -46.50 -20.25
CA THR B 283 15.65 -47.53 -21.11
C THR B 283 16.23 -46.88 -22.37
N GLU B 284 16.78 -47.70 -23.27
CA GLU B 284 17.35 -47.19 -24.52
C GLU B 284 16.21 -46.70 -25.43
N ASP B 285 14.98 -46.90 -25.00
CA ASP B 285 13.83 -46.46 -25.79
C ASP B 285 13.34 -45.08 -25.34
N ASP B 286 14.20 -44.34 -24.64
CA ASP B 286 13.84 -43.02 -24.15
C ASP B 286 14.85 -41.97 -24.59
N GLU B 287 14.33 -40.81 -25.00
CA GLU B 287 15.15 -39.72 -25.49
C GLU B 287 15.92 -38.98 -24.38
N THR B 288 15.26 -38.68 -23.26
CA THR B 288 15.92 -37.99 -22.14
C THR B 288 15.86 -38.85 -20.87
N ARG B 289 16.84 -38.67 -19.99
CA ARG B 289 16.89 -39.43 -18.74
C ARG B 289 15.56 -39.34 -17.98
N LYS B 290 14.79 -40.43 -17.91
CA LYS B 290 13.56 -40.37 -17.13
C LYS B 290 13.96 -40.65 -15.67
N LEU B 291 14.12 -39.60 -14.85
CA LEU B 291 14.52 -39.72 -13.44
C LEU B 291 13.30 -39.74 -12.49
N THR B 292 13.44 -40.39 -11.34
CA THR B 292 12.37 -40.49 -10.36
C THR B 292 12.93 -40.46 -8.94
N PRO B 293 12.18 -39.87 -7.99
CA PRO B 293 12.70 -39.83 -6.62
C PRO B 293 12.88 -41.23 -6.04
N SER B 294 13.89 -41.43 -5.21
CA SER B 294 14.15 -42.74 -4.60
C SER B 294 15.37 -42.64 -3.70
N SER B 295 15.48 -41.51 -3.00
CA SER B 295 16.59 -41.22 -2.09
C SER B 295 16.95 -42.37 -1.12
N PRO B 296 17.95 -43.17 -1.49
CA PRO B 296 18.40 -44.29 -0.67
C PRO B 296 19.61 -45.03 -1.27
N GLY B 297 20.15 -44.50 -2.37
CA GLY B 297 21.30 -45.13 -3.00
C GLY B 297 20.98 -46.50 -3.58
N ASP B 298 19.89 -47.10 -3.10
CA ASP B 298 19.42 -48.42 -3.53
C ASP B 298 19.58 -48.67 -5.03
N ASP B 299 20.72 -49.26 -5.41
CA ASP B 299 21.02 -49.55 -6.81
C ASP B 299 20.89 -48.25 -7.61
N GLY B 300 22.02 -47.56 -7.78
CA GLY B 300 22.04 -46.31 -8.50
C GLY B 300 21.60 -45.18 -7.58
N ALA B 301 21.46 -43.97 -8.13
CA ALA B 301 21.03 -42.79 -7.38
C ALA B 301 21.83 -41.58 -7.80
N ILE B 302 21.43 -40.42 -7.30
CA ILE B 302 22.11 -39.16 -7.61
C ILE B 302 21.59 -38.07 -6.67
N GLU B 303 22.49 -37.30 -6.08
CA GLU B 303 22.09 -36.25 -5.17
C GLU B 303 21.63 -35.02 -5.96
N MET B 304 20.35 -35.02 -6.36
CA MET B 304 19.80 -33.91 -7.14
C MET B 304 18.36 -33.59 -6.68
N SER B 305 18.07 -32.34 -6.35
CA SER B 305 16.72 -31.98 -5.94
C SER B 305 15.94 -31.67 -7.22
N TRP B 306 14.62 -31.73 -7.15
CA TRP B 306 13.79 -31.44 -8.32
C TRP B 306 14.11 -30.11 -8.94
N THR B 307 14.77 -29.24 -8.19
CA THR B 307 15.14 -27.93 -8.69
C THR B 307 15.86 -28.06 -10.04
N ASP B 308 16.69 -29.09 -10.16
CA ASP B 308 17.47 -29.30 -11.38
C ASP B 308 17.05 -30.44 -12.30
N ILE B 309 15.77 -30.79 -12.38
CA ILE B 309 15.34 -31.84 -13.29
C ILE B 309 14.45 -31.13 -14.29
N GLU B 310 14.61 -31.40 -15.59
CA GLU B 310 13.76 -30.73 -16.58
C GLU B 310 12.47 -31.51 -16.69
N ALA B 311 11.39 -30.86 -17.13
CA ALA B 311 10.09 -31.52 -17.23
C ALA B 311 10.13 -32.85 -17.98
N ASP B 312 10.81 -32.83 -19.13
CA ASP B 312 10.96 -34.02 -19.95
C ASP B 312 11.85 -35.06 -19.25
N GLU B 313 11.92 -35.00 -17.92
CA GLU B 313 12.72 -35.95 -17.17
C GLU B 313 12.01 -36.51 -15.92
N LEU B 314 11.16 -35.72 -15.27
CA LEU B 314 10.51 -36.24 -14.07
C LEU B 314 9.56 -37.36 -14.45
N LYS B 315 9.58 -38.44 -13.68
CA LYS B 315 8.68 -39.58 -13.89
C LYS B 315 7.90 -39.63 -12.57
N GLU B 316 6.74 -38.99 -12.59
CA GLU B 316 5.89 -38.91 -11.42
C GLU B 316 5.53 -40.27 -10.81
N PRO B 317 6.09 -40.57 -9.62
CA PRO B 317 5.79 -41.85 -8.97
C PRO B 317 4.31 -42.20 -9.01
N ASP B 318 3.99 -43.48 -8.93
CA ASP B 318 2.58 -43.92 -9.01
C ASP B 318 1.72 -43.67 -7.78
N LEU B 319 0.40 -43.66 -8.00
CA LEU B 319 -0.56 -43.46 -6.93
C LEU B 319 -0.98 -44.82 -6.35
N THR B 320 -0.24 -45.27 -5.36
CA THR B 320 -0.46 -46.56 -4.71
C THR B 320 -1.68 -46.62 -3.78
N ILE B 321 -2.02 -47.82 -3.32
CA ILE B 321 -3.12 -47.88 -2.37
C ILE B 321 -2.41 -47.43 -1.09
N LYS B 322 -1.08 -47.35 -1.14
CA LYS B 322 -0.29 -46.99 0.05
C LYS B 322 -0.49 -45.53 0.45
N ASP B 323 -0.47 -44.68 -0.58
CA ASP B 323 -0.63 -43.23 -0.47
C ASP B 323 -1.92 -42.86 0.23
N PHE B 324 -2.98 -43.57 -0.13
CA PHE B 324 -4.26 -43.30 0.48
C PHE B 324 -4.26 -43.80 1.91
N LEU B 325 -3.55 -44.89 2.15
CA LEU B 325 -3.50 -45.45 3.49
C LEU B 325 -2.72 -44.52 4.40
N LYS B 326 -1.62 -43.98 3.87
CA LYS B 326 -0.79 -43.03 4.62
C LYS B 326 -1.69 -41.90 5.05
N ALA B 327 -2.57 -41.48 4.14
CA ALA B 327 -3.52 -40.40 4.42
C ALA B 327 -4.43 -40.80 5.57
N ILE B 328 -5.19 -41.88 5.37
CA ILE B 328 -6.11 -42.39 6.37
C ILE B 328 -5.47 -42.44 7.75
N LYS B 329 -4.22 -42.85 7.81
CA LYS B 329 -3.53 -42.94 9.10
C LYS B 329 -3.44 -41.54 9.67
N SER B 330 -2.92 -40.61 8.86
CA SER B 330 -2.75 -39.21 9.23
C SER B 330 -4.03 -38.57 9.76
N THR B 331 -5.17 -39.01 9.23
CA THR B 331 -6.47 -38.46 9.62
C THR B 331 -7.20 -39.15 10.77
N ARG B 332 -8.42 -38.67 11.04
CA ARG B 332 -9.27 -39.20 12.08
C ARG B 332 -10.67 -38.68 11.80
N PRO B 333 -11.70 -39.45 12.17
CA PRO B 333 -13.08 -39.05 11.97
C PRO B 333 -13.42 -37.76 12.71
N THR B 334 -14.48 -37.10 12.25
CA THR B 334 -14.93 -35.84 12.85
C THR B 334 -16.09 -36.06 13.82
N VAL B 335 -16.68 -37.25 13.83
CA VAL B 335 -17.79 -37.54 14.74
C VAL B 335 -17.49 -38.84 15.49
N ASN B 336 -17.74 -38.83 16.79
CA ASN B 336 -17.51 -40.00 17.66
C ASN B 336 -18.83 -40.57 18.14
N GLU B 337 -18.76 -41.71 18.84
CA GLU B 337 -19.98 -42.35 19.33
C GLU B 337 -20.76 -41.39 20.22
N ASP B 338 -20.06 -40.72 21.14
CA ASP B 338 -20.70 -39.76 22.04
C ASP B 338 -21.63 -38.86 21.23
N ASP B 339 -21.07 -38.02 20.37
CA ASP B 339 -21.87 -37.12 19.54
C ASP B 339 -22.52 -37.88 18.38
N LEU B 340 -22.85 -39.14 18.62
CA LEU B 340 -23.48 -39.98 17.62
C LEU B 340 -24.74 -40.59 18.22
N LEU B 341 -24.63 -41.08 19.45
CA LEU B 341 -25.78 -41.68 20.12
C LEU B 341 -26.74 -40.54 20.38
N LYS B 342 -26.18 -39.35 20.55
CA LYS B 342 -26.97 -38.17 20.79
C LYS B 342 -27.93 -37.97 19.61
N GLN B 343 -27.89 -38.90 18.66
CA GLN B 343 -28.78 -38.84 17.51
C GLN B 343 -29.59 -40.12 17.46
N GLU B 344 -28.91 -41.25 17.56
CA GLU B 344 -29.59 -42.54 17.53
C GLU B 344 -30.79 -42.41 18.47
N GLN B 345 -30.57 -41.87 19.66
CA GLN B 345 -31.65 -41.69 20.63
C GLN B 345 -32.73 -40.88 19.92
N PHE B 346 -32.43 -39.61 19.66
CA PHE B 346 -33.35 -38.72 18.98
C PHE B 346 -34.17 -39.48 17.92
N THR B 347 -33.48 -40.10 16.97
CA THR B 347 -34.16 -40.85 15.91
C THR B 347 -35.38 -41.56 16.46
N ARG B 348 -35.22 -42.22 17.60
CA ARG B 348 -36.33 -42.91 18.23
C ARG B 348 -36.79 -42.10 19.42
N ASP B 349 -37.48 -41.00 19.16
CA ASP B 349 -37.95 -40.12 20.22
C ASP B 349 -38.55 -38.85 19.64
N PHE B 350 -37.67 -37.93 19.24
CA PHE B 350 -38.05 -36.64 18.69
C PHE B 350 -39.38 -36.10 19.21
N GLY B 351 -39.30 -35.34 20.30
CA GLY B 351 -40.47 -34.75 20.93
C GLY B 351 -41.78 -34.70 20.15
N GLN B 352 -42.13 -33.52 19.66
CA GLN B 352 -43.36 -33.33 18.89
C GLN B 352 -43.21 -34.02 17.53
N GLU B 353 -43.53 -35.31 17.48
CA GLU B 353 -43.42 -36.08 16.24
C GLU B 353 -44.51 -35.74 15.22
N ILE C 41 5.50 32.12 -20.06
CA ILE C 41 6.44 31.51 -19.08
C ILE C 41 7.82 32.17 -19.17
N LEU C 42 8.57 32.10 -18.08
CA LEU C 42 9.90 32.69 -18.03
C LEU C 42 10.94 31.62 -18.35
N SER C 43 12.12 32.06 -18.77
CA SER C 43 13.21 31.15 -19.11
C SER C 43 14.53 31.92 -19.05
N GLU C 44 15.53 31.34 -18.39
CA GLU C 44 16.83 32.01 -18.29
C GLU C 44 17.81 31.38 -17.29
N LYS C 45 18.73 32.22 -16.81
CA LYS C 45 19.75 31.84 -15.86
C LYS C 45 20.51 33.11 -15.47
N PRO C 46 19.87 33.97 -14.64
CA PRO C 46 20.42 35.24 -14.17
C PRO C 46 21.68 35.09 -13.34
N ASN C 47 22.24 36.23 -12.96
CA ASN C 47 23.46 36.26 -12.15
C ASN C 47 23.16 36.69 -10.72
N VAL C 48 22.77 35.72 -9.88
CA VAL C 48 22.47 35.98 -8.47
C VAL C 48 22.83 34.77 -7.58
N LYS C 49 23.82 34.97 -6.72
CA LYS C 49 24.29 33.92 -5.80
C LYS C 49 23.53 33.99 -4.47
N TRP C 50 24.24 33.87 -3.37
CA TRP C 50 23.61 33.91 -2.06
C TRP C 50 23.89 35.24 -1.34
N GLU C 51 24.46 36.19 -2.06
CA GLU C 51 24.78 37.49 -1.49
C GLU C 51 23.75 38.52 -1.92
N ASP C 52 22.84 38.09 -2.79
CA ASP C 52 21.78 38.95 -3.32
C ASP C 52 20.59 39.03 -2.36
N VAL C 53 20.32 37.93 -1.66
CA VAL C 53 19.21 37.85 -0.74
C VAL C 53 19.54 38.34 0.67
N ALA C 54 18.52 38.82 1.38
CA ALA C 54 18.68 39.34 2.73
C ALA C 54 19.17 38.28 3.72
N GLY C 55 18.32 37.91 4.68
CA GLY C 55 18.71 36.89 5.66
C GLY C 55 18.65 35.50 5.04
N LEU C 56 17.73 34.68 5.55
CA LEU C 56 17.58 33.32 5.02
C LEU C 56 18.91 32.59 4.91
N GLU C 57 19.71 32.60 5.97
CA GLU C 57 20.99 31.91 5.93
C GLU C 57 20.77 30.42 5.85
N GLY C 58 20.05 29.89 6.84
CA GLY C 58 19.76 28.47 6.87
C GLY C 58 19.18 28.00 5.55
N ALA C 59 17.95 28.42 5.28
CA ALA C 59 17.28 28.04 4.04
C ALA C 59 18.30 27.87 2.92
N LYS C 60 19.12 28.90 2.73
CA LYS C 60 20.16 28.89 1.70
C LYS C 60 21.01 27.64 1.74
N GLU C 61 21.72 27.45 2.85
CA GLU C 61 22.57 26.28 3.00
C GLU C 61 21.78 25.02 2.68
N ALA C 62 20.56 24.95 3.20
CA ALA C 62 19.68 23.81 2.97
C ALA C 62 19.53 23.49 1.49
N LEU C 63 19.11 24.48 0.70
CA LEU C 63 18.95 24.27 -0.73
C LEU C 63 20.22 23.71 -1.32
N LYS C 64 21.35 24.31 -0.95
CA LYS C 64 22.65 23.87 -1.42
C LYS C 64 22.84 22.40 -1.09
N GLU C 65 22.83 22.12 0.21
CA GLU C 65 23.00 20.76 0.67
C GLU C 65 21.99 19.78 0.07
N ALA C 66 21.02 20.31 -0.66
CA ALA C 66 20.00 19.44 -1.22
C ALA C 66 20.01 19.35 -2.73
N VAL C 67 20.43 20.42 -3.39
CA VAL C 67 20.46 20.43 -4.84
C VAL C 67 21.89 20.48 -5.36
N ILE C 68 22.77 21.08 -4.56
CA ILE C 68 24.16 21.22 -4.92
C ILE C 68 24.98 19.93 -4.76
N LEU C 69 25.36 19.62 -3.53
CA LEU C 69 26.13 18.42 -3.28
C LEU C 69 25.74 17.28 -4.22
N PRO C 70 24.43 16.97 -4.33
CA PRO C 70 23.98 15.90 -5.22
C PRO C 70 24.51 15.96 -6.64
N VAL C 71 24.75 17.16 -7.13
CA VAL C 71 25.26 17.34 -8.49
C VAL C 71 26.74 17.62 -8.51
N LYS C 72 27.26 18.19 -7.42
CA LYS C 72 28.68 18.52 -7.33
C LYS C 72 29.54 17.35 -6.84
N PHE C 73 28.90 16.25 -6.46
CA PHE C 73 29.60 15.06 -5.97
C PHE C 73 28.74 13.84 -6.25
N PRO C 74 28.26 13.71 -7.49
CA PRO C 74 27.41 12.61 -7.94
C PRO C 74 27.91 11.23 -7.54
N HIS C 75 29.19 11.10 -7.23
CA HIS C 75 29.73 9.81 -6.86
C HIS C 75 29.24 9.35 -5.49
N LEU C 76 28.30 10.10 -4.90
CA LEU C 76 27.77 9.73 -3.57
C LEU C 76 26.33 9.23 -3.63
N PHE C 77 25.46 10.01 -4.27
CA PHE C 77 24.05 9.67 -4.39
C PHE C 77 23.83 8.62 -5.48
N LYS C 78 24.93 8.18 -6.10
CA LYS C 78 24.88 7.19 -7.17
C LYS C 78 24.05 5.96 -6.83
N GLY C 79 24.06 5.56 -5.55
CA GLY C 79 23.31 4.39 -5.14
C GLY C 79 22.86 4.37 -3.70
N ASN C 80 21.62 3.92 -3.47
CA ASN C 80 21.04 3.83 -2.14
C ASN C 80 20.80 5.17 -1.45
N ARG C 81 21.40 6.23 -1.99
CA ARG C 81 21.26 7.57 -1.43
C ARG C 81 20.61 8.52 -2.43
N LYS C 82 19.74 7.98 -3.28
CA LYS C 82 19.04 8.77 -4.28
C LYS C 82 18.74 10.18 -3.78
N PRO C 83 19.08 11.19 -4.60
CA PRO C 83 18.85 12.59 -4.24
C PRO C 83 17.36 12.91 -4.35
N THR C 84 16.84 13.55 -3.31
CA THR C 84 15.42 13.88 -3.29
C THR C 84 15.05 14.84 -4.41
N SER C 85 14.03 14.48 -5.16
CA SER C 85 13.53 15.28 -6.26
C SER C 85 12.33 16.09 -5.79
N GLY C 86 12.06 17.19 -6.49
CA GLY C 86 10.95 18.05 -6.11
C GLY C 86 11.07 18.58 -4.68
N ILE C 87 11.45 19.85 -4.56
CA ILE C 87 11.59 20.48 -3.26
C ILE C 87 10.52 21.53 -3.09
N LEU C 88 10.11 21.77 -1.85
CA LEU C 88 9.08 22.76 -1.57
C LEU C 88 9.60 23.99 -0.83
N LEU C 89 9.42 25.15 -1.46
CA LEU C 89 9.85 26.41 -0.89
C LEU C 89 8.61 27.13 -0.40
N TYR C 90 8.19 26.83 0.82
CA TYR C 90 7.00 27.46 1.36
C TYR C 90 7.40 28.46 2.43
N GLY C 91 6.49 29.41 2.66
CA GLY C 91 6.73 30.43 3.64
C GLY C 91 5.74 31.55 3.40
N PRO C 92 5.65 32.53 4.31
CA PRO C 92 4.71 33.63 4.11
C PRO C 92 5.09 34.38 2.84
N PRO C 93 4.18 35.22 2.32
CA PRO C 93 4.44 35.99 1.10
C PRO C 93 5.16 37.28 1.46
N GLY C 94 6.04 37.72 0.58
CA GLY C 94 6.77 38.94 0.83
C GLY C 94 8.26 38.69 0.96
N THR C 95 8.65 37.43 1.12
CA THR C 95 10.05 37.03 1.25
C THR C 95 10.64 36.73 -0.15
N GLY C 96 9.77 36.76 -1.15
CA GLY C 96 10.20 36.53 -2.51
C GLY C 96 11.02 35.27 -2.63
N LYS C 97 10.34 34.14 -2.82
CA LYS C 97 10.97 32.86 -2.99
C LYS C 97 11.51 32.84 -4.41
N SER C 98 10.93 33.70 -5.23
CA SER C 98 11.33 33.83 -6.62
C SER C 98 12.80 34.22 -6.70
N TYR C 99 13.14 35.30 -5.99
CA TYR C 99 14.51 35.81 -5.94
C TYR C 99 15.42 34.78 -5.27
N LEU C 100 14.84 33.69 -4.78
CA LEU C 100 15.64 32.68 -4.10
C LEU C 100 15.84 31.45 -4.96
N ALA C 101 14.77 30.99 -5.60
CA ALA C 101 14.86 29.81 -6.45
C ALA C 101 15.88 30.09 -7.53
N LYS C 102 15.94 31.34 -7.96
CA LYS C 102 16.87 31.75 -9.00
C LYS C 102 18.30 31.65 -8.47
N ALA C 103 18.49 32.05 -7.23
CA ALA C 103 19.80 32.01 -6.58
C ALA C 103 20.39 30.60 -6.58
N VAL C 104 19.53 29.60 -6.72
CA VAL C 104 19.97 28.22 -6.76
C VAL C 104 20.31 27.95 -8.21
N ALA C 105 19.33 28.13 -9.08
CA ALA C 105 19.52 27.93 -10.51
C ALA C 105 20.86 28.51 -10.88
N THR C 106 21.15 29.67 -10.31
CA THR C 106 22.39 30.37 -10.57
C THR C 106 23.61 29.67 -9.97
N GLU C 107 23.72 29.66 -8.64
CA GLU C 107 24.85 29.02 -7.96
C GLU C 107 24.97 27.54 -8.32
N ALA C 108 24.08 27.08 -9.21
CA ALA C 108 24.05 25.70 -9.66
C ALA C 108 24.10 25.69 -11.18
N ASN C 109 24.77 26.68 -11.75
CA ASN C 109 24.92 26.83 -13.20
C ASN C 109 23.81 26.11 -13.94
N SER C 110 22.57 26.38 -13.52
CA SER C 110 21.40 25.77 -14.12
C SER C 110 20.64 26.82 -14.93
N THR C 111 19.57 26.40 -15.59
CA THR C 111 18.75 27.31 -16.37
C THR C 111 17.38 27.40 -15.69
N PHE C 112 17.08 28.57 -15.16
CA PHE C 112 15.83 28.82 -14.46
C PHE C 112 14.61 28.77 -15.38
N PHE C 113 13.48 28.33 -14.84
CA PHE C 113 12.25 28.27 -15.61
C PHE C 113 11.02 28.55 -14.76
N SER C 114 10.58 29.81 -14.81
CA SER C 114 9.44 30.29 -14.06
C SER C 114 8.11 29.96 -14.73
N VAL C 115 7.07 29.85 -13.93
CA VAL C 115 5.73 29.52 -14.41
C VAL C 115 4.70 29.82 -13.32
N SER C 116 4.24 31.06 -13.25
CA SER C 116 3.24 31.44 -12.24
C SER C 116 1.98 30.59 -12.39
N SER C 117 1.84 29.58 -11.53
CA SER C 117 0.68 28.69 -11.57
C SER C 117 -0.59 29.50 -11.29
N SER C 118 -0.43 30.82 -11.21
CA SER C 118 -1.53 31.74 -10.97
C SER C 118 -2.11 32.15 -12.32
N ASP C 119 -1.27 32.73 -13.17
CA ASP C 119 -1.70 33.15 -14.49
C ASP C 119 -2.10 31.88 -15.25
N LEU C 120 -1.62 30.75 -14.75
CA LEU C 120 -1.92 29.46 -15.36
C LEU C 120 -3.32 28.96 -14.97
N VAL C 121 -4.01 29.75 -14.14
CA VAL C 121 -5.35 29.41 -13.69
C VAL C 121 -6.29 30.62 -13.80
N SER C 122 -5.71 31.82 -13.90
CA SER C 122 -6.47 33.06 -14.03
C SER C 122 -6.50 33.48 -15.50
N LYS C 123 -5.34 33.46 -16.15
CA LYS C 123 -5.25 33.84 -17.55
C LYS C 123 -5.64 32.67 -18.47
N TRP C 124 -4.83 31.61 -18.47
CA TRP C 124 -5.08 30.43 -19.29
C TRP C 124 -5.47 29.19 -18.51
N MET C 125 -6.74 29.10 -18.13
CA MET C 125 -7.25 27.94 -17.40
C MET C 125 -7.86 26.96 -18.40
N GLY C 126 -7.96 27.41 -19.64
CA GLY C 126 -8.52 26.57 -20.69
C GLY C 126 -7.57 25.49 -21.18
N GLU C 127 -6.31 25.86 -21.39
CA GLU C 127 -5.29 24.91 -21.85
C GLU C 127 -4.66 24.20 -20.66
N SER C 128 -5.47 23.89 -19.65
CA SER C 128 -5.01 23.22 -18.45
C SER C 128 -5.23 21.72 -18.54
N GLU C 129 -5.42 21.23 -19.76
CA GLU C 129 -5.65 19.80 -19.99
C GLU C 129 -4.40 18.98 -19.69
N LYS C 130 -3.66 18.63 -20.75
CA LYS C 130 -2.43 17.84 -20.63
C LYS C 130 -1.25 18.73 -20.99
N LEU C 131 -1.28 19.98 -20.54
CA LEU C 131 -0.24 20.95 -20.81
C LEU C 131 0.95 20.77 -19.87
N VAL C 132 0.81 19.85 -18.92
CA VAL C 132 1.83 19.56 -17.92
C VAL C 132 3.22 19.23 -18.49
N LYS C 133 3.25 18.36 -19.50
CA LYS C 133 4.51 17.95 -20.12
C LYS C 133 4.98 18.98 -21.14
N GLN C 134 4.14 20.00 -21.39
CA GLN C 134 4.45 21.06 -22.36
C GLN C 134 5.66 21.92 -21.98
N LEU C 135 5.47 22.81 -20.99
CA LEU C 135 6.52 23.70 -20.52
C LEU C 135 7.61 22.91 -19.79
N PHE C 136 7.35 21.61 -19.61
CA PHE C 136 8.30 20.72 -18.96
C PHE C 136 9.21 20.11 -20.01
N ALA C 137 8.70 20.06 -21.24
CA ALA C 137 9.44 19.51 -22.39
C ALA C 137 10.38 20.59 -22.94
N MET C 138 10.25 21.80 -22.43
CA MET C 138 11.08 22.93 -22.84
C MET C 138 12.29 23.03 -21.91
N ALA C 139 12.10 22.65 -20.66
CA ALA C 139 13.18 22.70 -19.67
C ALA C 139 13.86 21.34 -19.62
N ARG C 140 13.18 20.34 -20.18
CA ARG C 140 13.68 18.95 -20.21
C ARG C 140 14.89 18.76 -21.12
N GLU C 141 14.88 19.46 -22.24
CA GLU C 141 15.95 19.40 -23.22
C GLU C 141 17.07 20.39 -22.87
N ASN C 142 17.04 20.90 -21.65
CA ASN C 142 18.02 21.85 -21.13
C ASN C 142 18.43 21.45 -19.72
N LYS C 143 19.68 21.01 -19.55
CA LYS C 143 20.15 20.59 -18.24
C LYS C 143 21.52 21.17 -17.90
N PRO C 144 21.70 21.64 -16.66
CA PRO C 144 20.68 21.64 -15.61
C PRO C 144 19.76 22.86 -15.77
N SER C 145 18.48 22.68 -15.46
CA SER C 145 17.52 23.75 -15.55
C SER C 145 16.41 23.49 -14.52
N ILE C 146 16.17 24.47 -13.65
CA ILE C 146 15.16 24.32 -12.62
C ILE C 146 13.82 24.92 -13.02
N ILE C 147 12.74 24.34 -12.51
CA ILE C 147 11.40 24.83 -12.82
C ILE C 147 10.60 25.27 -11.60
N PHE C 148 11.02 26.41 -11.04
CA PHE C 148 10.37 27.02 -9.88
C PHE C 148 8.97 27.39 -10.33
N ILE C 149 7.98 26.82 -9.64
CA ILE C 149 6.58 27.05 -9.98
C ILE C 149 5.88 27.93 -8.94
N ASP C 150 5.71 29.21 -9.23
CA ASP C 150 5.04 30.07 -8.27
C ASP C 150 3.64 29.52 -7.97
N GLN C 151 3.27 29.58 -6.69
CA GLN C 151 1.97 29.09 -6.23
C GLN C 151 1.67 27.68 -6.69
N VAL C 152 2.45 26.72 -6.22
CA VAL C 152 2.24 25.32 -6.58
C VAL C 152 1.13 24.74 -5.74
N ASP C 153 0.11 25.54 -5.47
CA ASP C 153 -1.00 25.08 -4.66
C ASP C 153 -2.32 25.53 -5.27
N ALA C 154 -2.24 26.54 -6.14
CA ALA C 154 -3.42 27.06 -6.81
C ALA C 154 -3.85 26.07 -7.88
N LEU C 155 -4.21 24.86 -7.46
CA LEU C 155 -4.65 23.81 -8.38
C LEU C 155 -5.64 22.96 -7.62
N THR C 156 -5.64 23.13 -6.30
CA THR C 156 -6.52 22.39 -5.40
C THR C 156 -6.43 23.00 -3.99
N ALA C 166 -11.25 19.10 -15.19
CA ALA C 166 -10.68 20.42 -15.40
C ALA C 166 -9.92 20.86 -14.14
N SER C 167 -10.65 21.09 -13.07
CA SER C 167 -10.06 21.50 -11.80
C SER C 167 -9.18 20.36 -11.28
N ARG C 168 -9.73 19.53 -10.39
CA ARG C 168 -8.99 18.40 -9.84
C ARG C 168 -8.82 17.31 -10.90
N ARG C 169 -8.36 17.73 -12.07
CA ARG C 169 -8.15 16.83 -13.21
C ARG C 169 -6.68 16.74 -13.64
N ILE C 170 -6.03 17.88 -13.85
CA ILE C 170 -4.62 17.91 -14.24
C ILE C 170 -3.77 17.33 -13.13
N LYS C 171 -4.42 16.54 -12.27
CA LYS C 171 -3.79 15.90 -11.13
C LYS C 171 -2.68 14.94 -11.54
N THR C 172 -3.01 13.66 -11.68
CA THR C 172 -2.02 12.65 -12.06
C THR C 172 -1.38 13.02 -13.40
N GLU C 173 -1.83 14.14 -13.98
CA GLU C 173 -1.28 14.63 -15.23
C GLU C 173 0.09 15.26 -14.92
N LEU C 174 0.31 15.58 -13.64
CA LEU C 174 1.57 16.14 -13.20
C LEU C 174 2.43 15.05 -12.54
N LEU C 175 1.80 14.21 -11.73
CA LEU C 175 2.51 13.12 -11.06
C LEU C 175 3.39 12.37 -12.06
N VAL C 176 3.15 12.61 -13.35
CA VAL C 176 3.92 11.98 -14.41
C VAL C 176 5.41 12.19 -14.15
N GLN C 177 5.95 13.31 -14.64
CA GLN C 177 7.36 13.63 -14.46
C GLN C 177 7.75 13.73 -12.98
N MET C 178 6.80 13.41 -12.11
CA MET C 178 7.02 13.46 -10.66
C MET C 178 7.29 12.10 -10.00
N ASN C 179 6.97 11.02 -10.70
CA ASN C 179 7.20 9.68 -10.17
C ASN C 179 8.48 9.07 -10.71
N GLY C 180 9.35 9.94 -11.22
CA GLY C 180 10.63 9.50 -11.77
C GLY C 180 11.58 10.65 -12.02
N VAL C 181 12.77 10.59 -11.43
CA VAL C 181 13.78 11.63 -11.60
C VAL C 181 15.14 11.22 -11.04
N GLY C 187 18.91 14.17 -13.39
CA GLY C 187 18.99 15.19 -14.42
C GLY C 187 18.50 16.54 -13.94
N VAL C 188 17.22 16.61 -13.58
CA VAL C 188 16.59 17.84 -13.08
C VAL C 188 15.52 17.55 -12.02
N LEU C 189 15.45 18.39 -10.98
CA LEU C 189 14.50 18.23 -9.88
C LEU C 189 13.54 19.42 -9.75
N VAL C 190 12.32 19.14 -9.27
CA VAL C 190 11.27 20.17 -9.13
C VAL C 190 11.50 21.19 -8.02
N LEU C 191 11.24 22.45 -8.33
CA LEU C 191 11.44 23.51 -7.36
C LEU C 191 10.12 24.24 -7.09
N GLY C 192 9.20 23.56 -6.39
CA GLY C 192 7.90 24.15 -6.08
C GLY C 192 7.88 25.14 -4.94
N ALA C 193 6.98 26.12 -5.01
CA ALA C 193 6.86 27.14 -3.96
C ALA C 193 5.42 27.59 -3.71
N THR C 194 5.11 27.88 -2.45
CA THR C 194 3.78 28.31 -2.07
C THR C 194 3.79 29.24 -0.86
N ASN C 195 2.78 30.09 -0.76
CA ASN C 195 2.66 31.00 0.36
C ASN C 195 1.68 30.42 1.37
N ILE C 196 0.92 29.43 0.93
CA ILE C 196 -0.07 28.76 1.75
C ILE C 196 0.13 27.25 1.66
N PRO C 197 1.06 26.71 2.45
CA PRO C 197 1.39 25.27 2.48
C PRO C 197 0.27 24.37 2.95
N TRP C 198 -0.68 24.95 3.68
CA TRP C 198 -1.82 24.22 4.26
C TRP C 198 -2.95 23.88 3.29
N GLN C 199 -3.06 24.64 2.21
CA GLN C 199 -4.09 24.39 1.22
C GLN C 199 -3.44 23.61 0.07
N LEU C 200 -2.52 22.72 0.43
CA LEU C 200 -1.82 21.90 -0.55
C LEU C 200 -2.44 20.51 -0.69
N ASP C 201 -2.34 19.92 -1.88
CA ASP C 201 -2.87 18.59 -2.14
C ASP C 201 -2.09 17.49 -1.43
N SER C 202 -2.77 16.70 -0.59
CA SER C 202 -2.14 15.62 0.19
C SER C 202 -1.24 14.65 -0.58
N ALA C 203 -1.45 14.54 -1.89
CA ALA C 203 -0.64 13.64 -2.70
C ALA C 203 0.60 14.35 -3.24
N ILE C 204 0.38 15.49 -3.88
CA ILE C 204 1.46 16.28 -4.45
C ILE C 204 2.49 16.61 -3.37
N ARG C 205 2.00 16.87 -2.16
CA ARG C 205 2.86 17.18 -1.04
C ARG C 205 3.74 15.97 -0.70
N ARG C 206 3.20 14.79 -0.91
CA ARG C 206 3.92 13.55 -0.62
C ARG C 206 5.10 13.41 -1.55
N ARG C 207 5.00 14.03 -2.73
CA ARG C 207 6.04 13.96 -3.75
C ARG C 207 7.18 14.97 -3.58
N PHE C 208 7.41 15.42 -2.36
CA PHE C 208 8.49 16.37 -2.07
C PHE C 208 9.25 15.88 -0.85
N GLU C 209 10.10 14.89 -1.04
CA GLU C 209 10.90 14.31 0.05
C GLU C 209 11.65 15.39 0.84
N ARG C 210 11.38 16.66 0.56
CA ARG C 210 12.07 17.75 1.25
C ARG C 210 11.29 19.06 1.12
N ARG C 211 11.08 19.74 2.26
CA ARG C 211 10.36 21.01 2.29
C ARG C 211 11.21 22.07 3.01
N ILE C 212 11.19 23.30 2.50
CA ILE C 212 11.97 24.38 3.12
C ILE C 212 11.15 25.64 3.35
N TYR C 213 11.16 26.08 4.61
CA TYR C 213 10.42 27.25 5.05
C TYR C 213 11.22 28.51 4.88
N ILE C 214 10.64 29.49 4.21
CA ILE C 214 11.31 30.78 4.00
C ILE C 214 10.56 31.80 4.85
N PRO C 215 11.10 32.11 6.04
CA PRO C 215 10.60 33.03 7.06
C PRO C 215 10.73 34.52 6.76
N LEU C 216 10.17 35.33 7.65
CA LEU C 216 10.25 36.77 7.50
C LEU C 216 11.60 37.17 8.09
N PRO C 217 12.28 38.10 7.45
CA PRO C 217 13.59 38.53 7.95
C PRO C 217 13.57 38.85 9.44
N ASP C 218 14.65 38.52 10.14
CA ASP C 218 14.74 38.80 11.57
C ASP C 218 15.32 40.20 11.69
N LEU C 219 15.62 40.64 12.91
CA LEU C 219 16.15 41.99 13.10
C LEU C 219 17.36 42.30 12.20
N ALA C 220 18.47 41.63 12.43
CA ALA C 220 19.66 41.88 11.63
C ALA C 220 19.38 41.80 10.13
N ALA C 221 18.39 41.01 9.74
CA ALA C 221 18.05 40.86 8.34
C ALA C 221 17.26 42.06 7.85
N ARG C 222 16.33 42.54 8.69
CA ARG C 222 15.52 43.69 8.36
C ARG C 222 16.39 44.94 8.27
N THR C 223 17.37 45.02 9.15
CA THR C 223 18.28 46.16 9.16
C THR C 223 19.05 46.23 7.85
N THR C 224 19.66 45.12 7.46
CA THR C 224 20.41 45.09 6.20
C THR C 224 19.51 45.54 5.06
N MET C 225 18.23 45.19 5.12
CA MET C 225 17.26 45.54 4.07
C MET C 225 16.97 47.05 4.04
N PHE C 226 16.98 47.68 5.21
CA PHE C 226 16.74 49.10 5.27
C PHE C 226 17.90 49.85 4.66
N GLU C 227 19.06 49.22 4.64
CA GLU C 227 20.20 49.87 4.04
C GLU C 227 20.14 49.71 2.52
N ILE C 228 20.18 48.48 2.03
CA ILE C 228 20.12 48.22 0.60
C ILE C 228 19.04 49.06 -0.07
N ASN C 229 17.84 49.08 0.52
CA ASN C 229 16.75 49.86 -0.05
C ASN C 229 17.14 51.31 -0.20
N VAL C 230 17.43 51.97 0.91
CA VAL C 230 17.85 53.36 0.84
C VAL C 230 18.84 53.52 -0.30
N GLY C 231 19.85 52.65 -0.35
CA GLY C 231 20.84 52.69 -1.41
C GLY C 231 21.88 53.78 -1.26
N ASP C 232 22.46 54.19 -2.39
CA ASP C 232 23.48 55.23 -2.43
C ASP C 232 22.89 56.62 -2.15
N THR C 233 21.60 56.65 -1.81
CA THR C 233 20.90 57.89 -1.51
C THR C 233 21.52 58.58 -0.29
N PRO C 234 21.67 59.92 -0.36
CA PRO C 234 22.25 60.68 0.76
C PRO C 234 21.37 60.74 2.00
N SER C 235 22.01 60.78 3.16
CA SER C 235 21.31 60.83 4.44
C SER C 235 22.28 61.18 5.56
N VAL C 236 21.73 61.51 6.73
CA VAL C 236 22.55 61.85 7.89
C VAL C 236 22.39 60.78 8.97
N LEU C 237 22.14 59.55 8.52
CA LEU C 237 21.96 58.43 9.44
C LEU C 237 23.15 57.47 9.48
N THR C 238 23.41 56.96 10.68
CA THR C 238 24.52 56.05 10.94
C THR C 238 24.03 54.64 11.27
N LYS C 239 24.90 53.66 11.05
CA LYS C 239 24.59 52.26 11.32
C LYS C 239 23.76 52.18 12.58
N GLU C 240 24.12 53.00 13.57
CA GLU C 240 23.39 53.02 14.84
C GLU C 240 21.89 53.09 14.58
N ASP C 241 21.49 54.03 13.75
CA ASP C 241 20.09 54.23 13.45
C ASP C 241 19.44 53.03 12.77
N TYR C 242 20.18 52.32 11.92
CA TYR C 242 19.62 51.15 11.27
C TYR C 242 19.26 50.08 12.30
N ARG C 243 20.24 49.65 13.07
CA ARG C 243 20.00 48.65 14.10
C ARG C 243 18.78 49.13 14.90
N THR C 244 18.61 50.45 14.94
CA THR C 244 17.50 51.08 15.64
C THR C 244 16.21 50.98 14.83
N LEU C 245 16.37 50.87 13.50
CA LEU C 245 15.22 50.76 12.62
C LEU C 245 14.84 49.29 12.45
N GLY C 246 15.86 48.45 12.27
CA GLY C 246 15.60 47.03 12.12
C GLY C 246 14.76 46.56 13.29
N ALA C 247 14.98 47.19 14.44
CA ALA C 247 14.26 46.84 15.65
C ALA C 247 12.79 47.22 15.56
N MET C 248 12.50 48.27 14.81
CA MET C 248 11.14 48.76 14.65
C MET C 248 10.30 47.94 13.68
N THR C 249 10.93 46.97 13.03
CA THR C 249 10.25 46.16 12.04
C THR C 249 9.98 44.67 12.34
N GLU C 250 10.05 44.28 13.61
CA GLU C 250 9.77 42.89 13.99
C GLU C 250 8.41 42.55 13.39
N GLY C 251 8.40 41.64 12.42
CA GLY C 251 7.15 41.24 11.82
C GLY C 251 6.92 41.83 10.45
N TYR C 252 7.92 42.53 9.92
CA TYR C 252 7.81 43.11 8.60
C TYR C 252 8.39 42.22 7.50
N SER C 253 7.68 42.12 6.39
CA SER C 253 8.15 41.34 5.25
C SER C 253 9.24 42.16 4.57
N GLY C 254 9.97 41.55 3.64
CA GLY C 254 11.02 42.29 2.97
C GLY C 254 10.46 43.28 1.97
N SER C 255 9.24 43.00 1.51
CA SER C 255 8.58 43.86 0.54
C SER C 255 8.05 45.09 1.26
N ASP C 256 7.73 44.94 2.54
CA ASP C 256 7.24 46.06 3.34
C ASP C 256 8.36 47.07 3.52
N ILE C 257 9.49 46.59 4.03
CA ILE C 257 10.64 47.45 4.24
C ILE C 257 10.92 48.12 2.89
N ALA C 258 10.77 47.35 1.83
CA ALA C 258 10.99 47.86 0.47
C ALA C 258 10.05 49.04 0.18
N VAL C 259 8.90 49.00 0.82
CA VAL C 259 7.87 50.03 0.64
C VAL C 259 8.06 51.20 1.59
N VAL C 260 8.38 50.90 2.84
CA VAL C 260 8.59 51.93 3.83
C VAL C 260 9.69 52.88 3.36
N VAL C 261 10.78 52.30 2.88
CA VAL C 261 11.91 53.04 2.38
C VAL C 261 11.55 53.88 1.17
N LYS C 262 11.09 53.26 0.08
CA LYS C 262 10.73 54.04 -1.12
C LYS C 262 9.78 55.19 -0.83
N ASP C 263 9.22 55.22 0.38
CA ASP C 263 8.28 56.26 0.77
C ASP C 263 8.90 57.34 1.63
N ALA C 264 9.83 56.95 2.47
CA ALA C 264 10.50 57.93 3.31
C ALA C 264 11.42 58.73 2.39
N LEU C 265 12.17 58.03 1.54
CA LEU C 265 13.07 58.66 0.59
C LEU C 265 12.43 59.89 -0.06
N MET C 266 11.10 59.87 -0.16
CA MET C 266 10.39 60.96 -0.80
C MET C 266 9.91 62.03 0.17
N GLN C 267 9.98 61.77 1.47
CA GLN C 267 9.53 62.73 2.47
C GLN C 267 10.15 64.13 2.39
N PRO C 268 11.48 64.22 2.11
CA PRO C 268 12.06 65.56 2.03
C PRO C 268 11.34 66.34 0.92
N ILE C 269 11.32 65.78 -0.30
CA ILE C 269 10.66 66.43 -1.43
C ILE C 269 9.18 66.72 -1.16
N ARG C 270 8.59 66.03 -0.19
CA ARG C 270 7.19 66.26 0.14
C ARG C 270 7.12 67.45 1.07
N LYS C 271 8.20 67.63 1.83
CA LYS C 271 8.31 68.73 2.80
C LYS C 271 8.32 70.11 2.15
N ILE C 272 8.97 70.21 1.01
CA ILE C 272 9.07 71.49 0.31
C ILE C 272 7.79 71.83 -0.48
N GLN C 273 7.29 70.88 -1.26
CA GLN C 273 6.09 71.08 -2.09
C GLN C 273 4.93 71.68 -1.31
N SER C 274 4.88 71.41 -0.01
CA SER C 274 3.82 71.92 0.84
C SER C 274 4.33 73.08 1.66
N ALA C 275 5.63 73.34 1.57
CA ALA C 275 6.24 74.44 2.31
C ALA C 275 5.79 75.79 1.79
N THR C 276 5.36 76.66 2.70
CA THR C 276 4.89 78.01 2.35
C THR C 276 5.87 79.08 2.82
N HIS C 277 6.85 78.67 3.62
CA HIS C 277 7.84 79.60 4.16
C HIS C 277 9.22 78.94 4.17
N PHE C 278 10.22 79.66 3.68
CA PHE C 278 11.60 79.17 3.61
C PHE C 278 12.59 80.06 4.38
N LYS C 279 13.67 79.48 4.88
CA LYS C 279 14.68 80.22 5.62
C LYS C 279 16.04 80.03 4.95
N ASP C 280 16.86 81.07 4.94
CA ASP C 280 18.19 80.99 4.34
C ASP C 280 19.20 80.53 5.36
N VAL C 281 19.60 79.26 5.26
CA VAL C 281 20.58 78.67 6.16
C VAL C 281 21.92 78.53 5.44
N SER C 282 22.75 79.56 5.54
CA SER C 282 24.06 79.57 4.89
C SER C 282 25.12 80.26 5.73
N THR C 283 25.95 79.46 6.40
CA THR C 283 27.03 79.96 7.23
C THR C 283 27.95 80.82 6.38
N GLU C 284 28.75 81.67 7.02
CA GLU C 284 29.67 82.53 6.28
C GLU C 284 30.61 81.66 5.46
N ASP C 285 31.14 80.60 6.09
CA ASP C 285 32.06 79.69 5.43
C ASP C 285 31.59 79.27 4.05
N ASP C 286 30.29 78.98 3.95
CA ASP C 286 29.69 78.55 2.69
C ASP C 286 30.00 79.52 1.56
N GLU C 287 29.89 79.02 0.33
CA GLU C 287 30.17 79.82 -0.87
C GLU C 287 28.97 79.93 -1.80
N THR C 288 27.77 79.67 -1.27
CA THR C 288 26.54 79.77 -2.06
C THR C 288 25.34 79.73 -1.13
N ARG C 289 24.32 80.50 -1.46
CA ARG C 289 23.11 80.57 -0.65
C ARG C 289 22.41 79.21 -0.67
N LYS C 290 21.60 78.96 0.36
CA LYS C 290 20.87 77.71 0.47
C LYS C 290 19.48 78.00 1.04
N LEU C 291 18.47 77.92 0.18
CA LEU C 291 17.09 78.17 0.62
C LEU C 291 16.40 76.83 0.91
N THR C 292 15.98 76.64 2.16
CA THR C 292 15.33 75.40 2.56
C THR C 292 14.02 75.66 3.28
N PRO C 293 13.16 74.64 3.41
CA PRO C 293 11.87 74.78 4.08
C PRO C 293 11.96 75.20 5.54
N SER C 294 10.83 75.69 6.04
CA SER C 294 10.73 76.15 7.42
C SER C 294 9.28 76.53 7.66
N SER C 295 8.44 75.51 7.88
CA SER C 295 7.02 75.72 8.14
C SER C 295 6.82 76.91 9.07
N PRO C 296 7.02 76.66 10.37
CA PRO C 296 6.86 77.71 11.38
C PRO C 296 7.76 78.91 11.04
N GLY C 297 9.07 78.69 11.07
CA GLY C 297 10.01 79.76 10.78
C GLY C 297 10.06 80.77 11.93
N ASP C 298 10.86 80.45 12.94
CA ASP C 298 11.02 81.32 14.10
C ASP C 298 12.00 82.44 13.80
N ASP C 299 11.65 83.29 12.82
CA ASP C 299 12.48 84.42 12.39
C ASP C 299 13.59 84.00 11.42
N GLY C 300 13.37 84.28 10.14
CA GLY C 300 14.35 83.93 9.12
C GLY C 300 13.69 83.25 7.95
N ALA C 301 12.36 83.22 7.96
CA ALA C 301 11.59 82.61 6.90
C ALA C 301 10.53 83.55 6.32
N ILE C 302 10.52 83.72 5.00
CA ILE C 302 9.56 84.59 4.33
C ILE C 302 8.78 83.77 3.30
N GLU C 303 7.45 83.88 3.32
CA GLU C 303 6.59 83.14 2.39
C GLU C 303 7.18 83.04 0.98
N MET C 304 6.95 81.93 0.30
CA MET C 304 7.46 81.72 -1.06
C MET C 304 7.30 80.27 -1.50
N SER C 305 6.60 80.05 -2.61
CA SER C 305 6.42 78.69 -3.12
C SER C 305 7.79 78.30 -3.64
N TRP C 306 7.92 77.06 -4.09
CA TRP C 306 9.19 76.56 -4.60
C TRP C 306 9.34 76.85 -6.09
N THR C 307 8.21 77.12 -6.75
CA THR C 307 8.20 77.40 -8.19
C THR C 307 9.15 78.54 -8.52
N ASP C 308 9.42 79.37 -7.52
CA ASP C 308 10.28 80.55 -7.67
C ASP C 308 11.58 80.56 -6.86
N ILE C 309 12.41 79.53 -7.02
CA ILE C 309 13.70 79.45 -6.32
C ILE C 309 14.75 78.88 -7.27
N GLU C 310 15.73 79.70 -7.65
CA GLU C 310 16.77 79.27 -8.57
C GLU C 310 17.28 77.86 -8.31
N ALA C 311 17.54 77.14 -9.39
CA ALA C 311 18.04 75.78 -9.31
C ALA C 311 19.28 75.72 -8.43
N ASP C 312 20.27 76.54 -8.75
CA ASP C 312 21.51 76.58 -7.99
C ASP C 312 21.27 77.02 -6.56
N GLU C 313 20.01 77.15 -6.15
CA GLU C 313 19.74 77.60 -4.79
C GLU C 313 18.90 76.68 -3.91
N LEU C 314 18.35 75.60 -4.47
CA LEU C 314 17.54 74.67 -3.67
C LEU C 314 18.43 73.79 -2.80
N LYS C 315 18.27 73.93 -1.48
CA LYS C 315 19.05 73.16 -0.52
C LYS C 315 18.20 72.05 0.07
N GLU C 316 18.40 70.83 -0.44
CA GLU C 316 17.66 69.67 0.01
C GLU C 316 17.79 69.45 1.51
N PRO C 317 16.66 69.21 2.21
CA PRO C 317 16.74 69.00 3.65
C PRO C 317 17.37 67.64 3.96
N ASP C 318 17.89 67.49 5.18
CA ASP C 318 18.53 66.25 5.60
C ASP C 318 17.52 65.13 5.84
N LEU C 319 17.94 63.89 5.60
CA LEU C 319 17.10 62.70 5.81
C LEU C 319 17.19 62.23 7.27
N THR C 320 16.19 62.60 8.07
CA THR C 320 16.14 62.24 9.49
C THR C 320 15.59 60.83 9.67
N ILE C 321 16.13 60.08 10.63
CA ILE C 321 15.63 58.74 10.90
C ILE C 321 14.14 58.90 11.29
N LYS C 322 13.70 60.15 11.40
CA LYS C 322 12.32 60.45 11.75
C LYS C 322 11.45 60.28 10.51
N ASP C 323 12.07 60.43 9.34
CA ASP C 323 11.38 60.29 8.06
C ASP C 323 10.79 58.90 7.88
N PHE C 324 11.64 57.89 8.06
CA PHE C 324 11.16 56.51 7.95
C PHE C 324 10.08 56.31 9.01
N LEU C 325 10.37 56.75 10.24
CA LEU C 325 9.43 56.61 11.34
C LEU C 325 8.01 57.04 10.94
N LYS C 326 7.89 58.17 10.25
CA LYS C 326 6.58 58.63 9.81
C LYS C 326 6.01 57.60 8.85
N ALA C 327 6.88 57.08 7.98
CA ALA C 327 6.51 56.07 6.97
C ALA C 327 6.11 54.73 7.57
N ILE C 328 6.86 54.25 8.56
CA ILE C 328 6.53 52.98 9.21
C ILE C 328 5.11 53.08 9.74
N LYS C 329 4.81 54.16 10.44
CA LYS C 329 3.46 54.35 10.97
C LYS C 329 2.47 54.29 9.81
N SER C 330 2.76 55.03 8.74
CA SER C 330 1.90 55.07 7.56
C SER C 330 1.61 53.68 7.02
N THR C 331 2.61 52.80 7.10
CA THR C 331 2.47 51.44 6.60
C THR C 331 2.80 50.40 7.66
N ARG C 332 1.81 49.58 7.99
CA ARG C 332 1.97 48.54 9.00
C ARG C 332 2.31 47.22 8.27
N PRO C 333 2.68 46.16 9.03
CA PRO C 333 3.03 44.86 8.46
C PRO C 333 2.00 44.37 7.45
N THR C 334 2.28 43.26 6.79
CA THR C 334 1.36 42.72 5.80
C THR C 334 0.78 41.37 6.22
N VAL C 335 1.58 40.55 6.89
CA VAL C 335 1.13 39.24 7.36
C VAL C 335 0.86 39.30 8.86
N ASN C 336 -0.21 38.64 9.30
CA ASN C 336 -0.57 38.64 10.72
C ASN C 336 -0.21 37.35 11.42
N GLU C 337 -0.11 37.42 12.75
CA GLU C 337 0.25 36.27 13.56
C GLU C 337 -0.55 35.07 13.07
N ASP C 338 -1.83 35.29 12.84
CA ASP C 338 -2.73 34.24 12.38
C ASP C 338 -2.11 33.40 11.27
N ASP C 339 -1.60 34.05 10.22
CA ASP C 339 -1.00 33.33 9.11
C ASP C 339 0.41 32.86 9.44
N LEU C 340 1.03 33.47 10.44
CA LEU C 340 2.37 33.09 10.82
C LEU C 340 2.37 31.89 11.74
N LEU C 341 1.21 31.55 12.27
CA LEU C 341 1.06 30.42 13.17
C LEU C 341 0.82 29.19 12.30
N LYS C 342 0.01 29.40 11.26
CA LYS C 342 -0.35 28.35 10.31
C LYS C 342 0.89 27.88 9.56
N GLN C 343 1.87 28.76 9.40
CA GLN C 343 3.13 28.38 8.75
C GLN C 343 3.85 27.51 9.76
N GLU C 344 3.73 27.87 11.03
CA GLU C 344 4.42 27.16 12.10
C GLU C 344 3.90 25.76 12.34
N GLN C 345 2.61 25.52 12.11
CA GLN C 345 2.06 24.18 12.31
C GLN C 345 2.57 23.28 11.19
N PHE C 346 2.33 23.71 9.96
CA PHE C 346 2.77 22.97 8.79
C PHE C 346 4.27 22.62 8.82
N THR C 347 5.07 23.36 9.59
CA THR C 347 6.49 23.04 9.66
C THR C 347 6.61 21.88 10.65
N ARG C 348 5.72 21.86 11.62
CA ARG C 348 5.72 20.80 12.62
C ARG C 348 5.38 19.46 11.96
N ASP C 349 4.70 19.51 10.82
CA ASP C 349 4.33 18.30 10.06
C ASP C 349 4.75 18.52 8.60
N PHE C 350 6.04 18.84 8.43
CA PHE C 350 6.63 19.13 7.13
C PHE C 350 6.26 18.12 6.07
#